data_5WMT
#
_entry.id   5WMT
#
_cell.length_a   94.412
_cell.length_b   94.730
_cell.length_c   179.250
_cell.angle_alpha   90.00
_cell.angle_beta   90.00
_cell.angle_gamma   90.00
#
_symmetry.space_group_name_H-M   'P 21 21 21'
#
loop_
_entity.id
_entity.type
_entity.pdbx_description
1 polymer Endoplasmin
2 non-polymer 1,2-ETHANEDIOL
3 non-polymer 'methyl 2-[2-(1-benzyl-1H-imidazol-2-yl)ethyl]-3-chloro-4,6-dihydroxybenzoate'
4 non-polymer 'MAGNESIUM ION'
5 water water
#
_entity_poly.entity_id   1
_entity_poly.type   'polypeptide(L)'
_entity_poly.pdbx_seq_one_letter_code
;GSHMLREKSEKFAFQAEVNRMMKLIINSLYKNKEIFLRELISNASDALDKIRLISLTDENALAGNEELTVKIKCDKEKNL
LHVTDTGVGMTREELVKNLGTIAKSGTSEFLNKMTEAQEDGQSTSELIGQFGVGFYSAFLVADKVIVTSKHNNDTQHIWE
SDSNEFSVIADPRGNTLGRGTTITLVLKEEASDYLELDTIKNLVKKYSQFINFPIYVWSSKTGGGGKTVWDWELMN
;
_entity_poly.pdbx_strand_id   A,B,C,D
#
loop_
_chem_comp.id
_chem_comp.type
_chem_comp.name
_chem_comp.formula
9QY non-polymer 'methyl 2-[2-(1-benzyl-1H-imidazol-2-yl)ethyl]-3-chloro-4,6-dihydroxybenzoate' 'C20 H19 Cl N2 O4'
EDO non-polymer 1,2-ETHANEDIOL 'C2 H6 O2'
MG non-polymer 'MAGNESIUM ION' 'Mg 2'
#
# COMPACT_ATOMS: atom_id res chain seq x y z
N GLU A 10 26.67 -9.78 -17.52
CA GLU A 10 26.52 -8.79 -18.57
C GLU A 10 25.27 -9.04 -19.40
N LYS A 11 25.13 -10.29 -19.90
CA LYS A 11 24.01 -10.63 -20.76
C LYS A 11 22.70 -10.64 -19.99
N PHE A 12 22.70 -11.22 -18.79
CA PHE A 12 21.48 -11.33 -17.98
C PHE A 12 21.67 -10.63 -16.64
N ALA A 13 22.05 -9.35 -16.67
CA ALA A 13 22.33 -8.63 -15.44
C ALA A 13 21.06 -8.48 -14.59
N PHE A 14 19.95 -8.10 -15.22
CA PHE A 14 18.71 -7.92 -14.47
C PHE A 14 18.17 -9.25 -13.97
N GLN A 15 18.22 -10.29 -14.80
CA GLN A 15 17.71 -11.59 -14.38
C GLN A 15 18.54 -12.17 -13.24
N ALA A 16 19.87 -12.09 -13.35
CA ALA A 16 20.73 -12.61 -12.29
C ALA A 16 20.52 -11.86 -10.98
N GLU A 17 20.23 -10.56 -11.04
CA GLU A 17 20.00 -9.80 -9.82
C GLU A 17 18.66 -10.17 -9.19
N VAL A 18 17.64 -10.39 -10.02
CA VAL A 18 16.37 -10.89 -9.50
C VAL A 18 16.56 -12.27 -8.88
N ASN A 19 17.36 -13.13 -9.52
CA ASN A 19 17.62 -14.45 -8.98
C ASN A 19 18.40 -14.36 -7.67
N ARG A 20 19.35 -13.44 -7.59
CA ARG A 20 20.12 -13.27 -6.36
C ARG A 20 19.24 -12.77 -5.23
N MET A 21 18.36 -11.81 -5.51
CA MET A 21 17.52 -11.23 -4.46
C MET A 21 16.45 -12.22 -4.01
N MET A 22 15.83 -12.93 -4.94
CA MET A 22 14.81 -13.90 -4.57
C MET A 22 15.42 -15.05 -3.77
N LYS A 23 16.62 -15.52 -4.16
CA LYS A 23 17.28 -16.57 -3.39
C LYS A 23 17.64 -16.07 -2.00
N LEU A 24 18.15 -14.84 -1.90
CA LEU A 24 18.54 -14.29 -0.61
C LEU A 24 17.36 -14.18 0.33
N ILE A 25 16.24 -13.65 -0.16
CA ILE A 25 15.07 -13.44 0.70
C ILE A 25 14.41 -14.78 1.03
N ILE A 26 14.36 -15.70 0.07
CA ILE A 26 13.74 -17.00 0.32
C ILE A 26 14.55 -17.80 1.33
N ASN A 27 15.87 -17.87 1.12
CA ASN A 27 16.73 -18.58 2.07
C ASN A 27 16.66 -17.98 3.46
N SER A 28 16.47 -16.67 3.56
CA SER A 28 16.40 -16.03 4.87
C SER A 28 15.08 -16.31 5.56
N LEU A 29 13.97 -16.31 4.81
CA LEU A 29 12.66 -16.43 5.42
C LEU A 29 12.37 -17.84 5.91
N TYR A 30 12.78 -18.85 5.14
CA TYR A 30 12.43 -20.23 5.45
C TYR A 30 13.59 -21.09 5.91
N LYS A 31 14.81 -20.81 5.43
CA LYS A 31 16.03 -21.49 5.88
C LYS A 31 16.01 -22.98 5.60
N ASN A 32 14.90 -23.49 5.08
CA ASN A 32 14.76 -24.90 4.70
C ASN A 32 14.67 -24.97 3.19
N LYS A 33 15.69 -25.56 2.56
CA LYS A 33 15.71 -25.68 1.11
C LYS A 33 14.57 -26.55 0.59
N GLU A 34 13.87 -27.28 1.45
CA GLU A 34 12.72 -28.07 1.05
C GLU A 34 11.48 -27.23 0.77
N ILE A 35 11.58 -25.90 0.88
CA ILE A 35 10.45 -25.03 0.62
C ILE A 35 9.98 -25.13 -0.83
N PHE A 36 10.84 -25.60 -1.74
CA PHE A 36 10.43 -25.74 -3.13
C PHE A 36 9.30 -26.77 -3.26
N LEU A 37 9.37 -27.86 -2.49
CA LEU A 37 8.34 -28.89 -2.59
C LEU A 37 7.03 -28.42 -1.99
N ARG A 38 7.10 -27.64 -0.90
CA ARG A 38 5.89 -27.08 -0.32
C ARG A 38 5.20 -26.13 -1.29
N GLU A 39 5.99 -25.34 -2.03
CA GLU A 39 5.42 -24.44 -3.03
C GLU A 39 4.78 -25.23 -4.17
N LEU A 40 5.45 -26.28 -4.64
CA LEU A 40 4.88 -27.11 -5.70
C LEU A 40 3.55 -27.72 -5.27
N ILE A 41 3.47 -28.21 -4.03
CA ILE A 41 2.21 -28.74 -3.52
C ILE A 41 1.19 -27.62 -3.37
N SER A 42 1.60 -26.47 -2.84
CA SER A 42 0.66 -25.38 -2.59
C SER A 42 0.12 -24.80 -3.89
N ASN A 43 0.99 -24.56 -4.87
CA ASN A 43 0.55 -23.99 -6.14
C ASN A 43 -0.36 -24.95 -6.90
N ALA A 44 -0.07 -26.25 -6.83
CA ALA A 44 -0.95 -27.23 -7.47
C ALA A 44 -2.32 -27.24 -6.80
N SER A 45 -2.36 -27.07 -5.48
CA SER A 45 -3.63 -27.01 -4.77
C SER A 45 -4.45 -25.80 -5.21
N ASP A 46 -3.79 -24.64 -5.36
CA ASP A 46 -4.51 -23.44 -5.78
C ASP A 46 -5.08 -23.60 -7.19
N ALA A 47 -4.36 -24.31 -8.07
CA ALA A 47 -4.89 -24.56 -9.40
C ALA A 47 -6.05 -25.54 -9.36
N LEU A 48 -5.98 -26.55 -8.49
CA LEU A 48 -7.08 -27.48 -8.34
C LEU A 48 -8.29 -26.80 -7.72
N ASP A 49 -8.07 -25.93 -6.72
CA ASP A 49 -9.18 -25.23 -6.09
C ASP A 49 -9.86 -24.30 -7.08
N LYS A 50 -9.09 -23.68 -7.97
CA LYS A 50 -9.67 -22.76 -8.96
C LYS A 50 -10.64 -23.49 -9.88
N ILE A 51 -10.24 -24.64 -10.41
CA ILE A 51 -11.11 -25.36 -11.35
C ILE A 51 -12.28 -26.00 -10.63
N ARG A 52 -12.09 -26.43 -9.37
CA ARG A 52 -13.21 -26.96 -8.60
C ARG A 52 -14.25 -25.87 -8.33
N LEU A 53 -13.81 -24.63 -8.14
CA LEU A 53 -14.75 -23.53 -7.94
C LEU A 53 -15.55 -23.26 -9.21
N ILE A 54 -14.90 -23.36 -10.37
CA ILE A 54 -15.63 -23.21 -11.64
C ILE A 54 -16.61 -24.36 -11.83
N SER A 55 -16.31 -25.53 -11.25
CA SER A 55 -17.20 -26.68 -11.40
C SER A 55 -18.54 -26.45 -10.71
N LEU A 56 -18.57 -25.63 -9.67
CA LEU A 56 -19.81 -25.40 -8.93
C LEU A 56 -20.82 -24.56 -9.70
N THR A 57 -20.50 -24.09 -10.91
CA THR A 57 -21.45 -23.26 -11.66
C THR A 57 -21.69 -23.81 -13.07
N ASP A 58 -20.70 -24.49 -13.66
CA ASP A 58 -20.88 -25.19 -14.94
C ASP A 58 -20.85 -26.69 -14.70
N GLU A 59 -21.78 -27.40 -15.35
CA GLU A 59 -21.90 -28.84 -15.19
C GLU A 59 -20.70 -29.58 -15.77
N ASN A 60 -20.29 -29.22 -16.98
CA ASN A 60 -19.21 -29.96 -17.64
C ASN A 60 -17.96 -29.12 -17.85
N ALA A 61 -17.46 -28.51 -16.79
CA ALA A 61 -16.19 -27.81 -16.85
C ALA A 61 -14.99 -28.74 -16.66
N LEU A 62 -15.22 -29.98 -16.23
CA LEU A 62 -14.16 -30.96 -16.04
C LEU A 62 -14.14 -32.02 -17.12
N ALA A 63 -14.69 -31.71 -18.30
CA ALA A 63 -14.81 -32.71 -19.36
C ALA A 63 -13.44 -33.22 -19.81
N GLY A 64 -12.43 -32.34 -19.84
CA GLY A 64 -11.11 -32.77 -20.25
C GLY A 64 -10.45 -33.73 -19.29
N ASN A 65 -10.85 -33.70 -18.02
CA ASN A 65 -10.31 -34.58 -17.00
C ASN A 65 -11.18 -34.51 -15.75
N GLU A 66 -11.90 -35.59 -15.45
CA GLU A 66 -12.83 -35.59 -14.33
C GLU A 66 -12.14 -35.78 -12.99
N GLU A 67 -10.86 -36.14 -12.96
CA GLU A 67 -10.12 -36.27 -11.72
C GLU A 67 -9.53 -34.92 -11.31
N LEU A 68 -9.29 -34.77 -10.00
CA LEU A 68 -8.66 -33.58 -9.43
C LEU A 68 -7.60 -34.05 -8.44
N THR A 69 -6.41 -34.35 -8.96
CA THR A 69 -5.36 -35.00 -8.19
C THR A 69 -4.07 -34.17 -8.23
N VAL A 70 -3.08 -34.63 -7.48
CA VAL A 70 -1.70 -34.20 -7.58
C VAL A 70 -0.85 -35.46 -7.62
N LYS A 71 -0.12 -35.65 -8.71
CA LYS A 71 0.65 -36.87 -8.92
C LYS A 71 2.13 -36.49 -9.05
N ILE A 72 2.95 -37.04 -8.17
CA ILE A 72 4.38 -36.75 -8.13
C ILE A 72 5.14 -38.00 -8.55
N LYS A 73 6.10 -37.82 -9.46
CA LYS A 73 6.86 -38.94 -10.02
C LYS A 73 8.34 -38.57 -10.06
N CYS A 74 9.19 -39.55 -9.76
CA CYS A 74 10.63 -39.37 -9.80
C CYS A 74 11.22 -40.05 -11.04
N ASP A 75 12.41 -39.57 -11.42
CA ASP A 75 13.14 -40.13 -12.57
C ASP A 75 14.63 -40.02 -12.23
N LYS A 76 15.10 -40.98 -11.42
CA LYS A 76 16.49 -40.93 -10.95
C LYS A 76 17.48 -41.06 -12.08
N GLU A 77 17.10 -41.75 -13.16
CA GLU A 77 18.00 -41.90 -14.30
C GLU A 77 18.17 -40.58 -15.04
N LYS A 78 17.06 -39.96 -15.44
CA LYS A 78 17.10 -38.66 -16.11
C LYS A 78 17.28 -37.50 -15.16
N ASN A 79 17.29 -37.74 -13.85
CA ASN A 79 17.46 -36.70 -12.84
C ASN A 79 16.32 -35.67 -12.90
N LEU A 80 15.09 -36.18 -12.96
CA LEU A 80 13.91 -35.35 -13.11
C LEU A 80 12.96 -35.54 -11.94
N LEU A 81 12.22 -34.48 -11.61
CA LEU A 81 11.14 -34.53 -10.63
C LEU A 81 9.89 -33.94 -11.27
N HIS A 82 8.82 -34.72 -11.33
CA HIS A 82 7.56 -34.28 -11.93
C HIS A 82 6.52 -34.09 -10.84
N VAL A 83 5.80 -32.98 -10.90
CA VAL A 83 4.64 -32.72 -10.04
C VAL A 83 3.49 -32.33 -10.96
N THR A 84 2.57 -33.27 -11.19
CA THR A 84 1.47 -33.07 -12.12
C THR A 84 0.16 -32.90 -11.35
N ASP A 85 -0.58 -31.86 -11.69
CA ASP A 85 -1.91 -31.64 -11.16
C ASP A 85 -2.89 -31.47 -12.31
N THR A 86 -4.15 -31.79 -12.04
CA THR A 86 -5.23 -31.59 -13.00
C THR A 86 -6.04 -30.33 -12.67
N GLY A 87 -5.36 -29.25 -12.31
CA GLY A 87 -6.01 -28.01 -11.97
C GLY A 87 -6.50 -27.24 -13.18
N VAL A 88 -6.54 -25.91 -13.05
CA VAL A 88 -7.14 -25.09 -14.09
C VAL A 88 -6.26 -25.06 -15.33
N GLY A 89 -4.96 -25.28 -15.19
CA GLY A 89 -4.04 -25.16 -16.31
C GLY A 89 -3.81 -23.71 -16.69
N MET A 90 -3.03 -23.53 -17.76
CA MET A 90 -2.64 -22.20 -18.19
C MET A 90 -2.73 -22.09 -19.71
N THR A 91 -3.28 -20.97 -20.17
CA THR A 91 -3.28 -20.68 -21.60
C THR A 91 -1.86 -20.33 -22.06
N ARG A 92 -1.69 -20.23 -23.37
CA ARG A 92 -0.39 -19.88 -23.91
C ARG A 92 0.02 -18.45 -23.52
N GLU A 93 -0.95 -17.54 -23.41
CA GLU A 93 -0.59 -16.17 -23.02
C GLU A 93 -0.09 -16.10 -21.59
N GLU A 94 -0.61 -16.96 -20.70
CA GLU A 94 -0.14 -16.99 -19.33
C GLU A 94 1.31 -17.46 -19.25
N LEU A 95 1.66 -18.48 -20.05
CA LEU A 95 3.05 -18.94 -20.07
C LEU A 95 3.98 -17.90 -20.65
N VAL A 96 3.51 -17.09 -21.60
CA VAL A 96 4.36 -16.05 -22.18
C VAL A 96 4.69 -15.00 -21.13
N LYS A 97 3.70 -14.64 -20.29
CA LYS A 97 3.96 -13.68 -19.23
C LYS A 97 4.79 -14.31 -18.10
N ASN A 98 4.57 -15.60 -17.83
CA ASN A 98 5.13 -16.31 -16.68
C ASN A 98 5.23 -15.41 -15.44
N LEU A 99 6.42 -14.86 -15.19
CA LEU A 99 6.62 -13.96 -14.06
C LEU A 99 7.10 -12.57 -14.46
N GLY A 100 7.19 -12.28 -15.76
CA GLY A 100 7.58 -10.98 -16.23
C GLY A 100 9.03 -10.61 -16.03
N THR A 101 9.76 -11.33 -15.18
CA THR A 101 11.18 -11.06 -14.95
C THR A 101 12.10 -11.87 -15.85
N ILE A 102 11.56 -12.85 -16.57
CA ILE A 102 12.35 -13.72 -17.42
C ILE A 102 12.21 -13.23 -18.86
N ALA A 103 13.34 -13.05 -19.53
CA ALA A 103 13.34 -12.53 -20.90
C ALA A 103 13.12 -13.65 -21.90
N LYS A 104 12.46 -13.31 -23.01
CA LYS A 104 12.29 -14.27 -24.09
C LYS A 104 13.64 -14.65 -24.68
N SER A 105 13.74 -15.91 -25.09
CA SER A 105 15.03 -16.46 -25.52
C SER A 105 15.59 -15.67 -26.70
N GLY A 106 16.84 -15.23 -26.56
CA GLY A 106 17.53 -14.52 -27.63
C GLY A 106 17.14 -13.07 -27.80
N THR A 107 16.53 -12.45 -26.80
CA THR A 107 16.12 -11.06 -26.91
C THR A 107 16.90 -10.17 -25.95
N SER A 108 18.22 -10.17 -26.07
CA SER A 108 19.07 -9.32 -25.25
C SER A 108 20.49 -9.23 -25.82
N GLN A 122 3.85 -2.05 -11.82
CA GLN A 122 4.32 -2.95 -12.86
C GLN A 122 3.51 -4.23 -12.90
N SER A 123 3.19 -4.69 -14.10
CA SER A 123 2.46 -5.95 -14.25
C SER A 123 3.29 -7.13 -13.79
N THR A 124 4.61 -7.07 -13.98
CA THR A 124 5.47 -8.17 -13.59
C THR A 124 5.71 -8.22 -12.08
N SER A 125 5.76 -7.05 -11.42
CA SER A 125 5.95 -7.03 -9.98
C SER A 125 4.78 -7.67 -9.25
N GLU A 126 3.55 -7.52 -9.77
CA GLU A 126 2.42 -8.21 -9.19
C GLU A 126 2.50 -9.71 -9.42
N LEU A 127 3.15 -10.14 -10.50
CA LEU A 127 3.35 -11.56 -10.73
C LEU A 127 4.35 -12.15 -9.75
N ILE A 128 5.45 -11.43 -9.50
CA ILE A 128 6.45 -11.89 -8.54
C ILE A 128 5.82 -12.03 -7.16
N GLY A 129 4.90 -11.13 -6.81
CA GLY A 129 4.24 -11.21 -5.52
C GLY A 129 3.50 -12.53 -5.33
N GLN A 130 2.76 -12.97 -6.34
CA GLN A 130 1.93 -14.16 -6.20
C GLN A 130 2.68 -15.46 -6.46
N PHE A 131 3.64 -15.45 -7.39
CA PHE A 131 4.31 -16.69 -7.80
C PHE A 131 5.82 -16.65 -7.70
N GLY A 132 6.42 -15.55 -7.22
CA GLY A 132 7.87 -15.46 -7.20
C GLY A 132 8.51 -16.51 -6.31
N VAL A 133 8.02 -16.63 -5.07
CA VAL A 133 8.60 -17.60 -4.14
C VAL A 133 8.46 -19.01 -4.68
N GLY A 134 7.30 -19.32 -5.27
CA GLY A 134 7.09 -20.65 -5.81
C GLY A 134 8.05 -20.99 -6.93
N PHE A 135 8.32 -20.01 -7.80
CA PHE A 135 9.16 -20.29 -8.97
C PHE A 135 10.64 -20.29 -8.59
N TYR A 136 11.11 -19.24 -7.92
CA TYR A 136 12.54 -19.09 -7.68
C TYR A 136 13.06 -20.02 -6.60
N SER A 137 12.20 -20.51 -5.71
CA SER A 137 12.64 -21.52 -4.74
C SER A 137 13.02 -22.81 -5.43
N ALA A 138 12.41 -23.10 -6.58
CA ALA A 138 12.78 -24.30 -7.34
C ALA A 138 14.23 -24.29 -7.75
N PHE A 139 14.79 -23.11 -7.99
CA PHE A 139 16.19 -22.99 -8.40
C PHE A 139 17.17 -23.12 -7.23
N LEU A 140 16.67 -23.41 -6.03
CA LEU A 140 17.53 -23.79 -4.93
C LEU A 140 17.97 -25.25 -5.02
N VAL A 141 17.30 -26.06 -5.85
CA VAL A 141 17.61 -27.48 -5.96
C VAL A 141 17.68 -27.88 -7.44
N ALA A 142 17.26 -26.99 -8.32
CA ALA A 142 17.15 -27.31 -9.74
C ALA A 142 17.91 -26.30 -10.58
N ASP A 143 18.21 -26.70 -11.81
CA ASP A 143 18.88 -25.85 -12.77
C ASP A 143 17.98 -25.40 -13.92
N LYS A 144 16.82 -26.04 -14.08
CA LYS A 144 15.88 -25.67 -15.14
C LYS A 144 14.50 -26.18 -14.74
N VAL A 145 13.48 -25.38 -15.03
CA VAL A 145 12.09 -25.71 -14.74
C VAL A 145 11.34 -25.79 -16.06
N ILE A 146 10.57 -26.86 -16.25
CA ILE A 146 9.80 -27.08 -17.46
C ILE A 146 8.34 -27.22 -17.09
N VAL A 147 7.49 -26.37 -17.68
CA VAL A 147 6.06 -26.33 -17.39
C VAL A 147 5.31 -26.87 -18.60
N THR A 148 4.49 -27.89 -18.38
CA THR A 148 3.59 -28.44 -19.40
C THR A 148 2.17 -28.25 -18.89
N SER A 149 1.38 -27.44 -19.59
CA SER A 149 0.06 -27.05 -19.10
C SER A 149 -0.96 -27.13 -20.23
N LYS A 150 -2.22 -27.28 -19.82
CA LYS A 150 -3.35 -27.34 -20.75
C LYS A 150 -4.54 -26.66 -20.10
N HIS A 151 -4.99 -25.57 -20.71
CA HIS A 151 -6.17 -24.84 -20.26
C HIS A 151 -7.38 -25.26 -21.09
N ASN A 152 -8.57 -24.98 -20.56
CA ASN A 152 -9.79 -25.49 -21.16
C ASN A 152 -10.00 -24.93 -22.56
N ASN A 153 -9.70 -23.66 -22.77
CA ASN A 153 -9.95 -23.00 -24.05
C ASN A 153 -8.66 -22.75 -24.82
N ASP A 154 -7.69 -23.66 -24.73
CA ASP A 154 -6.42 -23.47 -25.42
C ASP A 154 -5.72 -24.81 -25.59
N THR A 155 -4.64 -24.77 -26.37
CA THR A 155 -3.79 -25.90 -26.71
C THR A 155 -2.82 -26.21 -25.56
N GLN A 156 -2.38 -27.47 -25.49
CA GLN A 156 -1.34 -27.87 -24.56
C GLN A 156 0.02 -27.37 -25.05
N HIS A 157 0.78 -26.74 -24.16
CA HIS A 157 2.08 -26.17 -24.50
C HIS A 157 3.13 -26.64 -23.50
N ILE A 158 4.39 -26.57 -23.94
CA ILE A 158 5.54 -26.86 -23.09
C ILE A 158 6.36 -25.58 -22.93
N TRP A 159 6.66 -25.23 -21.69
CA TRP A 159 7.40 -24.02 -21.35
C TRP A 159 8.61 -24.41 -20.52
N GLU A 160 9.76 -23.80 -20.82
CA GLU A 160 10.98 -24.08 -20.08
C GLU A 160 11.72 -22.77 -19.82
N SER A 161 12.54 -22.78 -18.78
CA SER A 161 13.34 -21.61 -18.42
C SER A 161 14.43 -22.02 -17.46
N ASP A 162 15.49 -21.20 -17.43
CA ASP A 162 16.59 -21.34 -16.49
C ASP A 162 16.71 -20.09 -15.62
N SER A 163 15.59 -19.42 -15.39
CA SER A 163 15.49 -18.17 -14.63
C SER A 163 16.12 -17.00 -15.38
N ASN A 164 16.80 -17.27 -16.50
CA ASN A 164 17.36 -16.21 -17.32
C ASN A 164 16.50 -15.96 -18.55
N GLU A 165 16.41 -16.95 -19.43
CA GLU A 165 15.57 -16.90 -20.62
C GLU A 165 14.47 -17.93 -20.51
N PHE A 166 13.53 -17.86 -21.45
CA PHE A 166 12.46 -18.86 -21.52
C PHE A 166 12.04 -19.06 -22.96
N SER A 167 11.41 -20.21 -23.21
CA SER A 167 10.91 -20.56 -24.53
C SER A 167 9.63 -21.37 -24.37
N VAL A 168 8.62 -21.03 -25.16
CA VAL A 168 7.32 -21.72 -25.13
C VAL A 168 7.13 -22.44 -26.47
N ILE A 169 6.46 -23.59 -26.40
CA ILE A 169 6.37 -24.51 -27.53
C ILE A 169 4.99 -25.16 -27.51
N ALA A 170 4.39 -25.30 -28.70
CA ALA A 170 3.20 -26.13 -28.82
C ALA A 170 3.58 -27.60 -28.71
N ASP A 171 2.91 -28.32 -27.82
CA ASP A 171 3.28 -29.71 -27.54
C ASP A 171 2.99 -30.59 -28.76
N PRO A 172 4.00 -31.28 -29.31
CA PRO A 172 3.74 -32.16 -30.46
C PRO A 172 2.91 -33.39 -30.11
N ARG A 173 2.85 -33.77 -28.83
CA ARG A 173 2.01 -34.90 -28.42
C ARG A 173 0.54 -34.56 -28.36
N GLY A 174 0.17 -33.29 -28.53
CA GLY A 174 -1.22 -32.90 -28.43
C GLY A 174 -1.70 -32.83 -26.99
N ASN A 175 -3.03 -32.88 -26.84
CA ASN A 175 -3.67 -32.76 -25.54
C ASN A 175 -3.62 -34.11 -24.82
N THR A 176 -2.49 -34.36 -24.15
CA THR A 176 -2.33 -35.57 -23.36
C THR A 176 -2.70 -35.37 -21.89
N LEU A 177 -2.62 -34.13 -21.39
CA LEU A 177 -2.98 -33.87 -19.99
C LEU A 177 -4.49 -33.80 -19.78
N GLY A 178 -5.26 -33.55 -20.84
CA GLY A 178 -6.69 -33.34 -20.69
C GLY A 178 -6.99 -31.98 -20.11
N ARG A 179 -6.44 -31.71 -18.93
CA ARG A 179 -6.48 -30.40 -18.29
C ARG A 179 -5.55 -30.44 -17.08
N GLY A 180 -4.75 -29.38 -16.91
CA GLY A 180 -3.88 -29.29 -15.75
C GLY A 180 -2.48 -28.89 -16.15
N THR A 181 -1.55 -29.09 -15.23
CA THR A 181 -0.17 -28.63 -15.39
C THR A 181 0.79 -29.67 -14.84
N THR A 182 1.97 -29.75 -15.46
CA THR A 182 3.05 -30.62 -15.01
C THR A 182 4.29 -29.75 -14.81
N ILE A 183 4.81 -29.72 -13.59
CA ILE A 183 6.06 -29.04 -13.30
C ILE A 183 7.16 -30.08 -13.29
N THR A 184 8.18 -29.87 -14.13
CA THR A 184 9.33 -30.76 -14.22
C THR A 184 10.58 -29.97 -13.85
N LEU A 185 11.28 -30.41 -12.81
CA LEU A 185 12.52 -29.79 -12.37
C LEU A 185 13.68 -30.72 -12.71
N VAL A 186 14.62 -30.23 -13.51
CA VAL A 186 15.88 -30.94 -13.68
C VAL A 186 16.76 -30.58 -12.48
N LEU A 187 17.15 -31.57 -11.71
CA LEU A 187 17.76 -31.31 -10.42
C LEU A 187 19.25 -31.12 -10.56
N LYS A 188 19.83 -30.35 -9.64
CA LYS A 188 21.27 -30.27 -9.53
C LYS A 188 21.83 -31.60 -9.03
N GLU A 189 23.12 -31.80 -9.28
CA GLU A 189 23.77 -33.01 -8.76
C GLU A 189 23.81 -33.00 -7.24
N GLU A 190 23.86 -31.81 -6.63
CA GLU A 190 23.89 -31.73 -5.18
C GLU A 190 22.56 -32.16 -4.56
N ALA A 191 21.45 -31.99 -5.28
CA ALA A 191 20.13 -32.29 -4.76
C ALA A 191 19.55 -33.57 -5.36
N SER A 192 20.40 -34.52 -5.73
CA SER A 192 19.92 -35.77 -6.29
C SER A 192 19.26 -36.66 -5.24
N ASP A 193 19.42 -36.35 -3.96
CA ASP A 193 18.80 -37.17 -2.92
C ASP A 193 17.29 -37.04 -2.88
N TYR A 194 16.73 -35.96 -3.42
CA TYR A 194 15.28 -35.79 -3.41
C TYR A 194 14.55 -36.79 -4.31
N LEU A 195 15.29 -37.54 -5.14
CA LEU A 195 14.69 -38.47 -6.08
C LEU A 195 14.48 -39.86 -5.52
N GLU A 196 15.06 -40.18 -4.37
CA GLU A 196 14.80 -41.48 -3.77
C GLU A 196 13.36 -41.55 -3.28
N LEU A 197 12.85 -42.78 -3.13
CA LEU A 197 11.44 -42.93 -2.80
C LEU A 197 11.16 -42.51 -1.36
N ASP A 198 11.94 -43.06 -0.41
CA ASP A 198 11.65 -42.80 1.00
C ASP A 198 11.85 -41.34 1.37
N THR A 199 12.75 -40.63 0.70
CA THR A 199 12.91 -39.22 1.02
C THR A 199 11.80 -38.37 0.44
N ILE A 200 11.39 -38.66 -0.80
CA ILE A 200 10.34 -37.85 -1.43
C ILE A 200 8.98 -38.19 -0.82
N LYS A 201 8.80 -39.42 -0.34
CA LYS A 201 7.51 -39.78 0.23
C LYS A 201 7.31 -39.16 1.61
N ASN A 202 8.36 -39.16 2.44
CA ASN A 202 8.25 -38.52 3.75
C ASN A 202 8.11 -37.00 3.61
N LEU A 203 8.75 -36.40 2.61
CA LEU A 203 8.66 -34.96 2.42
C LEU A 203 7.26 -34.55 1.98
N VAL A 204 6.67 -35.31 1.04
CA VAL A 204 5.31 -35.00 0.59
C VAL A 204 4.34 -35.14 1.74
N LYS A 205 4.52 -36.16 2.58
CA LYS A 205 3.64 -36.37 3.73
C LYS A 205 3.67 -35.18 4.68
N LYS A 206 4.83 -34.54 4.84
CA LYS A 206 4.94 -33.40 5.76
C LYS A 206 4.12 -32.22 5.26
N TYR A 207 4.23 -31.89 3.98
CA TYR A 207 3.57 -30.71 3.42
C TYR A 207 2.27 -31.08 2.71
N SER A 208 1.43 -31.90 3.36
CA SER A 208 0.17 -32.32 2.74
C SER A 208 -1.01 -32.33 3.70
N GLN A 209 -0.81 -32.07 4.99
CA GLN A 209 -1.90 -32.10 5.95
C GLN A 209 -2.85 -30.91 5.84
N PHE A 210 -2.58 -29.97 4.95
CA PHE A 210 -3.44 -28.81 4.75
C PHE A 210 -4.03 -28.75 3.35
N ILE A 211 -3.88 -29.81 2.55
CA ILE A 211 -4.35 -29.84 1.17
C ILE A 211 -5.62 -30.67 1.11
N ASN A 212 -6.68 -30.08 0.54
CA ASN A 212 -7.96 -30.76 0.40
C ASN A 212 -8.07 -31.54 -0.90
N PHE A 213 -6.95 -32.03 -1.43
CA PHE A 213 -6.91 -32.79 -2.67
C PHE A 213 -5.96 -33.97 -2.49
N PRO A 214 -6.30 -35.14 -3.04
CA PRO A 214 -5.42 -36.30 -2.88
C PRO A 214 -4.11 -36.09 -3.61
N ILE A 215 -3.02 -36.46 -2.94
CA ILE A 215 -1.67 -36.32 -3.48
C ILE A 215 -1.04 -37.71 -3.53
N TYR A 216 -0.73 -38.18 -4.74
CA TYR A 216 -0.16 -39.49 -4.95
C TYR A 216 1.32 -39.37 -5.30
N VAL A 217 2.08 -40.41 -4.95
CA VAL A 217 3.49 -40.51 -5.30
C VAL A 217 3.72 -41.85 -5.98
N TRP A 218 4.35 -41.82 -7.15
CA TRP A 218 4.72 -43.03 -7.86
C TRP A 218 5.70 -43.85 -7.04
N SER A 219 5.21 -44.88 -6.34
CA SER A 219 6.04 -45.69 -5.47
C SER A 219 5.91 -47.16 -5.85
N SER A 220 6.86 -47.95 -5.37
CA SER A 220 6.94 -49.37 -5.68
C SER A 220 6.43 -50.20 -4.51
N LYS A 221 5.79 -51.32 -4.82
CA LYS A 221 5.30 -52.27 -3.83
C LYS A 221 5.66 -53.69 -4.26
N THR A 222 5.92 -54.53 -3.27
CA THR A 222 6.29 -55.93 -3.54
C THR A 222 5.35 -56.89 -2.83
N LYS A 227 8.62 -58.94 -9.26
CA LYS A 227 7.84 -59.03 -8.03
C LYS A 227 7.49 -57.65 -7.49
N THR A 228 8.07 -56.61 -8.09
CA THR A 228 7.84 -55.22 -7.71
C THR A 228 7.07 -54.53 -8.81
N VAL A 229 5.89 -54.01 -8.48
CA VAL A 229 5.08 -53.24 -9.42
C VAL A 229 4.95 -51.82 -8.89
N TRP A 230 4.74 -50.88 -9.81
CA TRP A 230 4.62 -49.47 -9.47
C TRP A 230 3.18 -49.02 -9.64
N ASP A 231 2.74 -48.11 -8.77
CA ASP A 231 1.39 -47.57 -8.81
C ASP A 231 1.35 -46.28 -8.00
N TRP A 232 0.23 -45.57 -8.10
CA TRP A 232 0.04 -44.33 -7.37
C TRP A 232 -0.29 -44.64 -5.92
N GLU A 233 0.59 -44.23 -5.01
CA GLU A 233 0.37 -44.37 -3.58
C GLU A 233 -0.06 -43.01 -3.02
N LEU A 234 -1.22 -42.97 -2.37
CA LEU A 234 -1.75 -41.73 -1.82
C LEU A 234 -1.12 -41.45 -0.46
N MET A 235 -0.67 -40.21 -0.25
CA MET A 235 0.08 -39.86 0.94
C MET A 235 -0.70 -39.02 1.95
N ASN A 236 -1.90 -38.55 1.61
CA ASN A 236 -2.67 -37.74 2.54
C ASN A 236 -4.15 -38.15 2.56
N LYS B 8 -9.42 8.66 21.37
CA LYS B 8 -8.16 9.33 21.69
C LYS B 8 -7.27 9.43 20.46
N SER B 9 -6.58 8.34 20.14
CA SER B 9 -5.69 8.27 19.00
C SER B 9 -6.36 7.67 17.76
N GLU B 10 -7.63 7.25 17.86
CA GLU B 10 -8.31 6.68 16.71
C GLU B 10 -8.54 7.73 15.62
N LYS B 11 -8.76 8.98 16.00
CA LYS B 11 -8.96 10.03 15.01
C LYS B 11 -7.66 10.49 14.36
N PHE B 12 -6.52 9.92 14.75
CA PHE B 12 -5.28 10.11 14.01
C PHE B 12 -5.06 8.98 13.01
N ALA B 13 -5.41 7.74 13.38
CA ALA B 13 -5.50 6.68 12.39
C ALA B 13 -6.61 6.96 11.39
N PHE B 14 -7.65 7.67 11.81
CA PHE B 14 -8.71 8.08 10.89
C PHE B 14 -8.15 8.94 9.76
N GLN B 15 -7.38 9.97 10.11
CA GLN B 15 -6.85 10.89 9.10
C GLN B 15 -5.74 10.22 8.29
N ALA B 16 -5.03 9.28 8.90
CA ALA B 16 -4.04 8.47 8.18
C ALA B 16 -4.69 7.70 7.06
N GLU B 17 -5.79 6.99 7.36
CA GLU B 17 -6.49 6.23 6.32
C GLU B 17 -7.20 7.17 5.35
N VAL B 18 -7.73 8.29 5.84
CA VAL B 18 -8.37 9.26 4.97
C VAL B 18 -7.37 9.82 3.97
N ASN B 19 -6.16 10.15 4.44
CA ASN B 19 -5.16 10.71 3.55
C ASN B 19 -4.66 9.68 2.54
N ARG B 20 -4.53 8.42 2.96
CA ARG B 20 -4.16 7.36 2.02
C ARG B 20 -5.24 7.17 0.97
N MET B 21 -6.51 7.24 1.39
CA MET B 21 -7.61 7.11 0.45
C MET B 21 -7.62 8.25 -0.57
N MET B 22 -7.37 9.48 -0.10
CA MET B 22 -7.30 10.61 -1.01
C MET B 22 -6.23 10.41 -2.06
N LYS B 23 -5.09 9.83 -1.66
CA LYS B 23 -3.99 9.60 -2.60
C LYS B 23 -4.40 8.65 -3.70
N LEU B 24 -4.89 7.46 -3.32
CA LEU B 24 -5.22 6.44 -4.31
C LEU B 24 -6.32 6.89 -5.26
N ILE B 25 -7.31 7.63 -4.75
CA ILE B 25 -8.43 8.04 -5.59
C ILE B 25 -7.99 9.07 -6.61
N ILE B 26 -7.26 10.10 -6.15
CA ILE B 26 -6.79 11.14 -7.07
C ILE B 26 -5.76 10.58 -8.04
N ASN B 27 -4.89 9.68 -7.54
CA ASN B 27 -3.93 9.02 -8.42
C ASN B 27 -4.63 8.30 -9.57
N SER B 28 -5.68 7.54 -9.25
CA SER B 28 -6.45 6.87 -10.28
C SER B 28 -7.18 7.87 -11.18
N LEU B 29 -7.56 9.03 -10.63
CA LEU B 29 -8.18 10.06 -11.44
C LEU B 29 -7.22 10.59 -12.50
N TYR B 30 -5.91 10.53 -12.24
CA TYR B 30 -4.93 11.01 -13.20
C TYR B 30 -4.90 10.14 -14.44
N LYS B 31 -4.78 8.82 -14.26
CA LYS B 31 -4.59 7.93 -15.39
C LYS B 31 -5.91 7.42 -15.96
N ASN B 32 -6.55 6.48 -15.26
CA ASN B 32 -7.60 5.68 -15.87
C ASN B 32 -8.96 5.76 -15.19
N LYS B 33 -9.03 6.20 -13.93
CA LYS B 33 -10.25 6.18 -13.12
C LYS B 33 -10.79 4.76 -12.95
N GLU B 34 -9.92 3.74 -13.06
CA GLU B 34 -10.34 2.35 -13.01
C GLU B 34 -10.28 1.75 -11.60
N ILE B 35 -9.91 2.54 -10.58
CA ILE B 35 -9.74 1.96 -9.25
C ILE B 35 -11.06 1.48 -8.68
N PHE B 36 -12.18 2.08 -9.11
CA PHE B 36 -13.47 1.65 -8.61
C PHE B 36 -13.76 0.20 -9.02
N LEU B 37 -13.36 -0.17 -10.25
CA LEU B 37 -13.62 -1.52 -10.70
C LEU B 37 -12.69 -2.51 -10.02
N ARG B 38 -11.41 -2.14 -9.84
CA ARG B 38 -10.50 -3.00 -9.12
C ARG B 38 -10.97 -3.20 -7.68
N GLU B 39 -11.50 -2.15 -7.06
CA GLU B 39 -12.01 -2.28 -5.70
C GLU B 39 -13.29 -3.10 -5.66
N LEU B 40 -14.18 -2.91 -6.64
CA LEU B 40 -15.37 -3.74 -6.74
C LEU B 40 -15.00 -5.23 -6.80
N ILE B 41 -13.96 -5.56 -7.57
CA ILE B 41 -13.55 -6.95 -7.69
C ILE B 41 -12.84 -7.42 -6.42
N SER B 42 -12.00 -6.55 -5.84
CA SER B 42 -11.25 -6.93 -4.65
C SER B 42 -12.17 -7.16 -3.47
N ASN B 43 -13.11 -6.23 -3.22
CA ASN B 43 -14.02 -6.36 -2.09
C ASN B 43 -14.94 -7.57 -2.26
N ALA B 44 -15.37 -7.85 -3.49
CA ALA B 44 -16.17 -9.05 -3.72
C ALA B 44 -15.35 -10.30 -3.45
N SER B 45 -14.06 -10.28 -3.79
CA SER B 45 -13.20 -11.42 -3.50
C SER B 45 -13.02 -11.60 -1.99
N ASP B 46 -12.89 -10.50 -1.26
CA ASP B 46 -12.72 -10.59 0.19
C ASP B 46 -13.98 -11.15 0.85
N ALA B 47 -15.16 -10.76 0.37
CA ALA B 47 -16.40 -11.31 0.90
C ALA B 47 -16.51 -12.80 0.60
N LEU B 48 -15.98 -13.24 -0.54
CA LEU B 48 -15.98 -14.67 -0.84
C LEU B 48 -14.99 -15.42 0.06
N ASP B 49 -13.82 -14.82 0.32
CA ASP B 49 -12.86 -15.42 1.23
C ASP B 49 -13.43 -15.52 2.64
N LYS B 50 -14.30 -14.58 3.03
CA LYS B 50 -14.81 -14.55 4.39
C LYS B 50 -15.70 -15.75 4.68
N ILE B 51 -16.61 -16.09 3.76
CA ILE B 51 -17.53 -17.19 4.03
C ILE B 51 -16.90 -18.55 3.74
N ARG B 52 -15.85 -18.61 2.92
CA ARG B 52 -15.13 -19.87 2.78
C ARG B 52 -14.41 -20.21 4.08
N LEU B 53 -13.90 -19.20 4.78
CA LEU B 53 -13.35 -19.40 6.11
C LEU B 53 -14.44 -19.84 7.08
N ILE B 54 -15.62 -19.22 7.00
CA ILE B 54 -16.72 -19.59 7.87
C ILE B 54 -17.17 -21.02 7.59
N SER B 55 -17.13 -21.43 6.31
CA SER B 55 -17.54 -22.77 5.94
C SER B 55 -16.61 -23.86 6.48
N LEU B 56 -15.49 -23.48 7.09
CA LEU B 56 -14.63 -24.47 7.76
C LEU B 56 -15.18 -24.81 9.15
N THR B 57 -15.55 -23.79 9.92
CA THR B 57 -16.20 -24.01 11.21
C THR B 57 -17.64 -24.45 11.03
N ASP B 58 -18.45 -23.60 10.40
CA ASP B 58 -19.84 -23.97 10.09
C ASP B 58 -19.87 -25.10 9.08
N GLU B 59 -20.93 -25.91 9.14
CA GLU B 59 -21.10 -27.04 8.24
C GLU B 59 -22.04 -26.73 7.08
N ASN B 60 -23.10 -25.96 7.31
CA ASN B 60 -24.04 -25.59 6.26
C ASN B 60 -24.05 -24.08 6.05
N ALA B 61 -22.87 -23.49 5.82
CA ALA B 61 -22.78 -22.05 5.61
C ALA B 61 -23.19 -21.66 4.19
N LEU B 62 -22.84 -22.48 3.20
CA LEU B 62 -23.16 -22.21 1.81
C LEU B 62 -24.51 -22.78 1.38
N ALA B 63 -25.47 -22.88 2.32
CA ALA B 63 -26.75 -23.52 1.99
C ALA B 63 -27.61 -22.61 1.11
N GLY B 64 -27.61 -21.30 1.39
CA GLY B 64 -28.39 -20.37 0.58
C GLY B 64 -27.85 -20.19 -0.83
N ASN B 65 -26.59 -20.57 -1.06
CA ASN B 65 -25.98 -20.49 -2.38
C ASN B 65 -24.73 -21.35 -2.36
N GLU B 66 -24.71 -22.41 -3.17
CA GLU B 66 -23.61 -23.37 -3.10
C GLU B 66 -22.39 -22.94 -3.90
N GLU B 67 -22.49 -21.91 -4.73
CA GLU B 67 -21.39 -21.48 -5.57
C GLU B 67 -20.75 -20.21 -5.01
N LEU B 68 -19.50 -20.00 -5.40
CA LEU B 68 -18.71 -18.83 -5.00
C LEU B 68 -18.33 -18.09 -6.29
N THR B 69 -19.14 -17.10 -6.67
CA THR B 69 -19.02 -16.45 -7.97
C THR B 69 -18.87 -14.94 -7.81
N VAL B 70 -18.46 -14.31 -8.91
CA VAL B 70 -18.60 -12.87 -9.12
C VAL B 70 -19.15 -12.70 -10.53
N LYS B 71 -20.35 -12.15 -10.66
CA LYS B 71 -21.03 -12.02 -11.93
C LYS B 71 -21.33 -10.56 -12.21
N ILE B 72 -20.77 -10.03 -13.30
CA ILE B 72 -20.90 -8.63 -13.66
C ILE B 72 -21.82 -8.53 -14.87
N LYS B 73 -22.80 -7.62 -14.79
CA LYS B 73 -23.79 -7.43 -15.84
C LYS B 73 -23.91 -5.95 -16.16
N CYS B 74 -24.01 -5.64 -17.45
CA CYS B 74 -24.20 -4.27 -17.92
C CYS B 74 -25.63 -4.09 -18.41
N ASP B 75 -26.19 -2.91 -18.14
CA ASP B 75 -27.52 -2.52 -18.61
C ASP B 75 -27.34 -1.18 -19.31
N LYS B 76 -27.08 -1.23 -20.62
CA LYS B 76 -26.75 -0.01 -21.35
C LYS B 76 -27.95 0.92 -21.47
N GLU B 77 -29.14 0.36 -21.68
CA GLU B 77 -30.34 1.18 -21.80
C GLU B 77 -30.62 1.94 -20.51
N LYS B 78 -30.50 1.27 -19.37
CA LYS B 78 -30.73 1.89 -18.08
C LYS B 78 -29.48 2.56 -17.50
N ASN B 79 -28.32 2.39 -18.12
CA ASN B 79 -27.06 2.99 -17.68
C ASN B 79 -26.71 2.54 -16.25
N LEU B 80 -26.70 1.23 -16.03
CA LEU B 80 -26.39 0.65 -14.73
C LEU B 80 -25.27 -0.37 -14.86
N LEU B 81 -24.50 -0.52 -13.79
CA LEU B 81 -23.46 -1.53 -13.69
C LEU B 81 -23.73 -2.37 -12.44
N HIS B 82 -23.84 -3.68 -12.63
CA HIS B 82 -24.15 -4.61 -11.55
C HIS B 82 -22.97 -5.54 -11.31
N VAL B 83 -22.51 -5.59 -10.07
CA VAL B 83 -21.45 -6.50 -9.65
C VAL B 83 -22.01 -7.35 -8.52
N THR B 84 -22.30 -8.61 -8.81
CA THR B 84 -22.93 -9.52 -7.88
C THR B 84 -21.96 -10.61 -7.45
N ASP B 85 -21.77 -10.75 -6.15
CA ASP B 85 -20.95 -11.82 -5.59
C ASP B 85 -21.77 -12.62 -4.59
N THR B 86 -21.39 -13.89 -4.40
CA THR B 86 -22.02 -14.77 -3.42
C THR B 86 -21.17 -14.89 -2.16
N GLY B 87 -20.63 -13.77 -1.68
CA GLY B 87 -19.84 -13.77 -0.47
C GLY B 87 -20.69 -13.92 0.76
N VAL B 88 -20.09 -13.59 1.91
CA VAL B 88 -20.76 -13.74 3.19
C VAL B 88 -22.03 -12.90 3.24
N GLY B 89 -22.02 -11.73 2.61
CA GLY B 89 -23.16 -10.83 2.68
C GLY B 89 -23.11 -9.94 3.90
N MET B 90 -24.16 -9.14 4.04
CA MET B 90 -24.24 -8.18 5.13
C MET B 90 -25.63 -8.19 5.74
N THR B 91 -25.71 -8.20 7.06
CA THR B 91 -26.96 -8.01 7.75
C THR B 91 -27.42 -6.56 7.65
N ARG B 92 -28.65 -6.31 8.09
CA ARG B 92 -29.14 -4.93 8.09
C ARG B 92 -28.32 -4.05 9.03
N GLU B 93 -27.77 -4.62 10.10
CA GLU B 93 -26.93 -3.84 11.00
C GLU B 93 -25.63 -3.43 10.32
N GLU B 94 -25.05 -4.34 9.53
CA GLU B 94 -23.82 -4.01 8.81
C GLU B 94 -24.07 -2.94 7.76
N LEU B 95 -25.21 -3.01 7.06
CA LEU B 95 -25.55 -1.98 6.09
C LEU B 95 -25.78 -0.63 6.75
N VAL B 96 -26.33 -0.63 7.98
CA VAL B 96 -26.58 0.62 8.67
C VAL B 96 -25.27 1.27 9.10
N LYS B 97 -24.32 0.47 9.57
CA LYS B 97 -23.00 0.99 9.93
C LYS B 97 -22.17 1.34 8.72
N ASN B 98 -22.43 0.69 7.58
CA ASN B 98 -21.64 0.80 6.34
C ASN B 98 -20.15 0.91 6.63
N LEU B 99 -19.53 2.01 6.21
CA LEU B 99 -18.12 2.25 6.47
C LEU B 99 -17.90 3.30 7.55
N GLY B 100 -18.90 3.53 8.40
CA GLY B 100 -18.76 4.42 9.53
C GLY B 100 -18.89 5.89 9.24
N THR B 101 -19.05 6.28 7.97
CA THR B 101 -19.09 7.67 7.60
C THR B 101 -20.40 8.11 6.96
N ILE B 102 -21.24 7.18 6.51
CA ILE B 102 -22.50 7.51 5.87
C ILE B 102 -23.61 7.44 6.91
N ALA B 103 -24.42 8.48 6.97
CA ALA B 103 -25.51 8.58 7.93
C ALA B 103 -26.85 8.45 7.21
N LYS B 104 -27.90 8.11 7.98
CA LYS B 104 -29.23 7.98 7.41
C LYS B 104 -29.69 9.28 6.76
N SER B 105 -30.80 9.20 6.03
CA SER B 105 -31.34 10.37 5.33
C SER B 105 -31.99 11.30 6.35
N GLY B 106 -31.30 12.39 6.68
CA GLY B 106 -31.82 13.38 7.58
C GLY B 106 -31.22 13.39 8.99
N THR B 107 -30.10 12.68 9.22
CA THR B 107 -29.47 12.67 10.54
C THR B 107 -28.14 13.40 10.54
N SER B 108 -27.99 14.40 9.68
CA SER B 108 -26.76 15.18 9.61
C SER B 108 -26.73 16.33 10.60
N GLU B 109 -27.31 16.13 11.79
CA GLU B 109 -27.27 17.11 12.86
C GLU B 109 -26.81 16.54 14.19
N PHE B 110 -26.56 15.24 14.27
CA PHE B 110 -26.11 14.61 15.50
C PHE B 110 -25.01 13.59 15.23
N GLN B 122 -15.41 -2.66 15.26
CA GLN B 122 -14.46 -2.07 14.31
C GLN B 122 -14.65 -0.56 14.21
N SER B 123 -13.57 0.19 14.44
CA SER B 123 -13.61 1.63 14.31
C SER B 123 -13.79 2.02 12.85
N THR B 124 -14.17 3.29 12.63
CA THR B 124 -14.41 3.74 11.27
C THR B 124 -13.11 3.86 10.48
N SER B 125 -11.98 4.11 11.15
CA SER B 125 -10.70 4.16 10.45
C SER B 125 -10.37 2.81 9.82
N GLU B 126 -10.64 1.72 10.54
CA GLU B 126 -10.47 0.39 9.97
C GLU B 126 -11.42 0.18 8.80
N LEU B 127 -12.65 0.69 8.90
CA LEU B 127 -13.57 0.62 7.79
C LEU B 127 -13.12 1.49 6.63
N ILE B 128 -12.64 2.71 6.93
CA ILE B 128 -12.13 3.60 5.90
C ILE B 128 -10.99 2.92 5.15
N GLY B 129 -10.03 2.35 5.89
CA GLY B 129 -8.88 1.74 5.26
C GLY B 129 -9.18 0.52 4.43
N GLN B 130 -10.34 -0.10 4.65
CA GLN B 130 -10.70 -1.30 3.90
C GLN B 130 -11.74 -1.05 2.82
N PHE B 131 -12.67 -0.12 3.04
CA PHE B 131 -13.75 0.13 2.10
C PHE B 131 -13.88 1.58 1.64
N GLY B 132 -13.15 2.52 2.25
CA GLY B 132 -13.29 3.91 1.88
C GLY B 132 -12.92 4.17 0.43
N VAL B 133 -11.89 3.48 -0.07
CA VAL B 133 -11.49 3.67 -1.45
C VAL B 133 -12.55 3.12 -2.40
N GLY B 134 -13.03 1.90 -2.14
CA GLY B 134 -14.02 1.31 -3.02
C GLY B 134 -15.33 2.10 -3.06
N PHE B 135 -15.78 2.58 -1.90
CA PHE B 135 -17.05 3.30 -1.87
C PHE B 135 -16.93 4.67 -2.52
N TYR B 136 -15.91 5.44 -2.13
CA TYR B 136 -15.84 6.82 -2.58
C TYR B 136 -15.35 6.92 -4.03
N SER B 137 -14.56 5.97 -4.50
CA SER B 137 -14.09 6.02 -5.88
C SER B 137 -15.20 5.69 -6.87
N ALA B 138 -16.27 5.04 -6.42
CA ALA B 138 -17.38 4.75 -7.33
C ALA B 138 -18.01 6.03 -7.86
N PHE B 139 -17.96 7.11 -7.09
CA PHE B 139 -18.51 8.38 -7.53
C PHE B 139 -17.60 9.11 -8.52
N LEU B 140 -16.49 8.49 -8.92
CA LEU B 140 -15.78 8.96 -10.11
C LEU B 140 -16.62 8.76 -11.36
N VAL B 141 -17.48 7.75 -11.36
CA VAL B 141 -18.30 7.43 -12.53
C VAL B 141 -19.79 7.32 -12.21
N ALA B 142 -20.19 7.20 -10.96
CA ALA B 142 -21.59 6.99 -10.61
C ALA B 142 -22.11 8.13 -9.74
N ASP B 143 -23.41 8.41 -9.87
CA ASP B 143 -24.07 9.39 -9.03
C ASP B 143 -24.64 8.79 -7.75
N LYS B 144 -24.84 7.47 -7.72
CA LYS B 144 -25.37 6.79 -6.54
C LYS B 144 -24.78 5.40 -6.48
N VAL B 145 -24.64 4.89 -5.26
CA VAL B 145 -24.19 3.52 -5.01
C VAL B 145 -25.32 2.80 -4.29
N ILE B 146 -25.84 1.75 -4.91
CA ILE B 146 -26.92 0.96 -4.36
C ILE B 146 -26.37 -0.42 -4.02
N VAL B 147 -26.70 -0.91 -2.83
CA VAL B 147 -26.16 -2.15 -2.30
C VAL B 147 -27.33 -3.08 -1.96
N THR B 148 -27.33 -4.27 -2.55
CA THR B 148 -28.31 -5.31 -2.26
C THR B 148 -27.57 -6.50 -1.67
N SER B 149 -27.84 -6.81 -0.41
CA SER B 149 -27.08 -7.84 0.30
C SER B 149 -28.03 -8.75 1.06
N LYS B 150 -27.56 -9.98 1.29
CA LYS B 150 -28.33 -11.00 2.00
C LYS B 150 -27.38 -11.84 2.82
N HIS B 151 -27.55 -11.82 4.14
CA HIS B 151 -26.70 -12.56 5.06
C HIS B 151 -27.42 -13.82 5.53
N ASN B 152 -26.62 -14.76 6.05
CA ASN B 152 -27.17 -16.05 6.48
C ASN B 152 -28.17 -15.89 7.62
N ASN B 153 -27.98 -14.90 8.48
CA ASN B 153 -28.79 -14.72 9.69
C ASN B 153 -29.72 -13.52 9.60
N ASP B 154 -30.13 -13.14 8.40
CA ASP B 154 -31.00 -11.98 8.22
C ASP B 154 -31.69 -12.09 6.87
N THR B 155 -32.62 -11.16 6.63
CA THR B 155 -33.32 -11.09 5.36
C THR B 155 -32.54 -10.21 4.38
N GLN B 156 -33.06 -10.09 3.16
CA GLN B 156 -32.41 -9.32 2.12
C GLN B 156 -32.83 -7.86 2.20
N HIS B 157 -31.85 -6.97 2.08
CA HIS B 157 -32.09 -5.54 2.17
C HIS B 157 -31.43 -4.84 0.99
N ILE B 158 -31.87 -3.61 0.72
CA ILE B 158 -31.29 -2.76 -0.29
C ILE B 158 -30.86 -1.45 0.36
N TRP B 159 -29.65 -1.01 0.05
CA TRP B 159 -29.01 0.14 0.68
C TRP B 159 -28.53 1.08 -0.42
N GLU B 160 -28.97 2.33 -0.37
CA GLU B 160 -28.66 3.32 -1.41
C GLU B 160 -28.10 4.59 -0.78
N SER B 161 -27.01 5.09 -1.36
CA SER B 161 -26.35 6.29 -0.85
C SER B 161 -25.95 7.21 -1.99
N ASP B 162 -25.93 8.51 -1.69
CA ASP B 162 -25.49 9.55 -2.62
C ASP B 162 -24.12 10.09 -2.25
N SER B 163 -23.28 9.24 -1.62
CA SER B 163 -21.94 9.53 -1.12
C SER B 163 -21.97 10.17 0.26
N ASN B 164 -23.09 10.81 0.62
CA ASN B 164 -23.20 11.51 1.89
C ASN B 164 -24.14 10.80 2.86
N GLU B 165 -25.41 10.64 2.49
CA GLU B 165 -26.39 9.97 3.35
C GLU B 165 -26.87 8.70 2.69
N PHE B 166 -27.57 7.88 3.46
CA PHE B 166 -28.07 6.59 2.97
C PHE B 166 -29.50 6.37 3.46
N SER B 167 -30.15 5.41 2.81
CA SER B 167 -31.44 4.87 3.23
C SER B 167 -31.46 3.38 2.93
N VAL B 168 -32.08 2.61 3.80
CA VAL B 168 -32.11 1.16 3.67
C VAL B 168 -33.54 0.67 3.88
N ILE B 169 -33.96 -0.29 3.04
CA ILE B 169 -35.27 -0.91 3.14
C ILE B 169 -35.09 -2.42 3.07
N ALA B 170 -36.18 -3.14 3.33
CA ALA B 170 -36.22 -4.56 3.06
C ALA B 170 -36.51 -4.79 1.59
N ASP B 171 -35.87 -5.79 1.01
CA ASP B 171 -36.04 -6.07 -0.41
C ASP B 171 -37.46 -6.56 -0.68
N PRO B 172 -38.26 -5.83 -1.46
CA PRO B 172 -39.63 -6.30 -1.75
C PRO B 172 -39.67 -7.61 -2.50
N ARG B 173 -38.61 -7.97 -3.22
CA ARG B 173 -38.55 -9.24 -3.93
C ARG B 173 -38.15 -10.40 -3.03
N GLY B 174 -37.83 -10.14 -1.77
CA GLY B 174 -37.45 -11.20 -0.86
C GLY B 174 -36.02 -11.67 -1.05
N ASN B 175 -35.79 -12.98 -0.91
CA ASN B 175 -34.44 -13.55 -0.98
C ASN B 175 -34.13 -13.90 -2.43
N THR B 176 -33.72 -12.89 -3.19
CA THR B 176 -33.35 -13.10 -4.59
C THR B 176 -31.95 -13.66 -4.73
N LEU B 177 -31.02 -13.21 -3.88
CA LEU B 177 -29.62 -13.58 -4.01
C LEU B 177 -29.30 -14.93 -3.40
N GLY B 178 -30.12 -15.41 -2.46
CA GLY B 178 -29.77 -16.59 -1.71
C GLY B 178 -28.69 -16.27 -0.69
N ARG B 179 -27.65 -15.57 -1.14
CA ARG B 179 -26.54 -15.15 -0.31
C ARG B 179 -25.61 -14.28 -1.14
N GLY B 180 -24.97 -13.32 -0.49
CA GLY B 180 -24.01 -12.46 -1.12
C GLY B 180 -24.54 -11.04 -1.29
N THR B 181 -23.82 -10.27 -2.11
CA THR B 181 -24.11 -8.86 -2.29
C THR B 181 -24.04 -8.50 -3.77
N THR B 182 -24.97 -7.64 -4.20
CA THR B 182 -24.91 -6.99 -5.49
C THR B 182 -24.61 -5.51 -5.27
N ILE B 183 -23.56 -5.01 -5.92
CA ILE B 183 -23.30 -3.57 -5.97
C ILE B 183 -23.83 -3.05 -7.29
N THR B 184 -24.64 -2.00 -7.22
CA THR B 184 -25.25 -1.38 -8.39
C THR B 184 -24.81 0.07 -8.44
N LEU B 185 -24.02 0.41 -9.46
CA LEU B 185 -23.61 1.79 -9.69
C LEU B 185 -24.56 2.42 -10.69
N VAL B 186 -25.23 3.49 -10.26
CA VAL B 186 -26.05 4.28 -11.18
C VAL B 186 -25.12 5.25 -11.90
N LEU B 187 -24.60 4.83 -13.06
CA LEU B 187 -23.53 5.56 -13.72
C LEU B 187 -24.01 6.90 -14.25
N LYS B 188 -23.09 7.87 -14.26
CA LYS B 188 -23.34 9.11 -14.96
C LYS B 188 -23.35 8.88 -16.47
N GLU B 189 -24.15 9.69 -17.18
CA GLU B 189 -24.19 9.56 -18.62
C GLU B 189 -22.84 9.88 -19.25
N GLU B 190 -22.07 10.79 -18.65
CA GLU B 190 -20.73 11.09 -19.13
C GLU B 190 -19.76 9.93 -18.96
N ALA B 191 -20.17 8.84 -18.31
CA ALA B 191 -19.35 7.64 -18.17
C ALA B 191 -20.00 6.43 -18.83
N SER B 192 -20.94 6.66 -19.76
CA SER B 192 -21.64 5.56 -20.41
C SER B 192 -20.71 4.74 -21.29
N ASP B 193 -19.54 5.27 -21.67
CA ASP B 193 -18.58 4.50 -22.44
C ASP B 193 -18.05 3.29 -21.67
N TYR B 194 -18.13 3.33 -20.34
CA TYR B 194 -17.72 2.17 -19.54
C TYR B 194 -18.62 0.98 -19.82
N LEU B 195 -19.91 1.22 -20.05
CA LEU B 195 -20.86 0.13 -20.23
C LEU B 195 -20.72 -0.59 -21.56
N GLU B 196 -19.81 -0.16 -22.44
CA GLU B 196 -19.53 -0.93 -23.63
C GLU B 196 -19.03 -2.31 -23.24
N LEU B 197 -19.50 -3.33 -23.97
CA LEU B 197 -19.17 -4.71 -23.61
C LEU B 197 -17.66 -4.92 -23.62
N ASP B 198 -17.02 -4.66 -24.76
CA ASP B 198 -15.60 -4.99 -24.92
C ASP B 198 -14.74 -4.32 -23.85
N THR B 199 -15.04 -3.07 -23.50
CA THR B 199 -14.19 -2.38 -22.53
C THR B 199 -14.38 -2.92 -21.13
N ILE B 200 -15.58 -3.41 -20.80
CA ILE B 200 -15.80 -4.00 -19.47
C ILE B 200 -15.04 -5.32 -19.34
N LYS B 201 -15.13 -6.17 -20.36
CA LYS B 201 -14.48 -7.47 -20.28
C LYS B 201 -12.97 -7.33 -20.19
N ASN B 202 -12.40 -6.39 -20.94
CA ASN B 202 -10.95 -6.18 -20.86
C ASN B 202 -10.54 -5.68 -19.48
N LEU B 203 -11.34 -4.77 -18.90
CA LEU B 203 -11.04 -4.28 -17.56
C LEU B 203 -11.22 -5.38 -16.53
N VAL B 204 -12.30 -6.14 -16.60
CA VAL B 204 -12.52 -7.24 -15.67
C VAL B 204 -11.43 -8.29 -15.82
N LYS B 205 -11.05 -8.60 -17.05
CA LYS B 205 -9.99 -9.57 -17.28
C LYS B 205 -8.67 -9.09 -16.69
N LYS B 206 -8.40 -7.79 -16.77
CA LYS B 206 -7.16 -7.25 -16.24
C LYS B 206 -7.10 -7.37 -14.73
N TYR B 207 -8.19 -7.03 -14.04
CA TYR B 207 -8.18 -6.92 -12.59
C TYR B 207 -8.64 -8.20 -11.88
N SER B 208 -8.96 -9.27 -12.63
CA SER B 208 -9.41 -10.51 -12.02
C SER B 208 -8.46 -11.67 -12.28
N GLN B 209 -7.32 -11.44 -12.92
CA GLN B 209 -6.40 -12.52 -13.24
C GLN B 209 -5.80 -13.17 -12.00
N PHE B 210 -5.75 -12.45 -10.87
CA PHE B 210 -5.17 -12.96 -9.64
C PHE B 210 -6.21 -13.29 -8.58
N ILE B 211 -7.48 -13.38 -8.97
CA ILE B 211 -8.55 -13.77 -8.06
C ILE B 211 -8.78 -15.27 -8.21
N ASN B 212 -8.81 -15.98 -7.08
CA ASN B 212 -8.99 -17.43 -7.09
C ASN B 212 -10.43 -17.84 -7.34
N PHE B 213 -11.38 -16.91 -7.29
CA PHE B 213 -12.76 -17.26 -7.58
C PHE B 213 -13.09 -16.98 -9.03
N PRO B 214 -14.00 -17.75 -9.63
CA PRO B 214 -14.39 -17.49 -11.03
C PRO B 214 -15.19 -16.19 -11.11
N ILE B 215 -14.83 -15.36 -12.10
CA ILE B 215 -15.47 -14.07 -12.31
C ILE B 215 -16.03 -14.04 -13.73
N TYR B 216 -17.33 -13.78 -13.85
CA TYR B 216 -18.02 -13.83 -15.12
C TYR B 216 -18.54 -12.45 -15.50
N VAL B 217 -18.78 -12.27 -16.80
CA VAL B 217 -19.37 -11.06 -17.35
C VAL B 217 -20.46 -11.47 -18.32
N TRP B 218 -21.65 -10.87 -18.17
CA TRP B 218 -22.74 -11.12 -19.09
C TRP B 218 -22.34 -10.68 -20.50
N SER B 219 -22.00 -11.64 -21.36
CA SER B 219 -21.48 -11.37 -22.69
C SER B 219 -22.43 -11.92 -23.76
N SER B 220 -22.10 -11.64 -25.01
CA SER B 220 -22.90 -12.05 -26.16
C SER B 220 -22.04 -12.81 -27.15
N LYS B 221 -22.64 -13.82 -27.79
CA LYS B 221 -21.99 -14.62 -28.82
C LYS B 221 -22.83 -14.57 -30.07
N THR B 222 -22.23 -14.14 -31.18
CA THR B 222 -22.95 -14.05 -32.45
C THR B 222 -23.05 -15.41 -33.13
N THR B 228 -27.15 -14.38 -32.15
CA THR B 228 -26.84 -13.59 -30.97
C THR B 228 -27.56 -14.12 -29.74
N VAL B 229 -26.79 -14.54 -28.74
CA VAL B 229 -27.33 -15.04 -27.48
C VAL B 229 -26.42 -14.60 -26.35
N TRP B 230 -27.00 -14.46 -25.16
CA TRP B 230 -26.29 -13.96 -23.98
C TRP B 230 -26.12 -15.08 -22.96
N ASP B 231 -24.96 -15.10 -22.31
CA ASP B 231 -24.64 -16.06 -21.27
C ASP B 231 -23.41 -15.55 -20.52
N TRP B 232 -23.17 -16.16 -19.36
CA TRP B 232 -22.01 -15.78 -18.55
C TRP B 232 -20.73 -16.23 -19.23
N GLU B 233 -19.74 -15.34 -19.28
CA GLU B 233 -18.45 -15.63 -19.90
C GLU B 233 -17.37 -15.59 -18.83
N LEU B 234 -16.67 -16.70 -18.67
CA LEU B 234 -15.58 -16.79 -17.70
C LEU B 234 -14.44 -15.87 -18.13
N MET B 235 -14.04 -14.97 -17.23
CA MET B 235 -13.04 -13.96 -17.55
C MET B 235 -11.65 -14.27 -17.01
N ASN B 236 -11.52 -15.27 -16.13
CA ASN B 236 -10.22 -15.64 -15.60
C ASN B 236 -10.07 -17.15 -15.47
N GLU C 10 0.42 -16.01 12.13
CA GLU C 10 -0.48 -16.68 11.20
C GLU C 10 0.31 -17.08 9.96
N LYS C 11 0.28 -18.39 9.64
CA LYS C 11 0.94 -18.87 8.43
C LYS C 11 0.40 -18.18 7.19
N PHE C 12 -0.87 -17.77 7.23
CA PHE C 12 -1.48 -17.09 6.09
C PHE C 12 -1.00 -15.63 6.00
N ALA C 13 -1.13 -14.88 7.09
CA ALA C 13 -0.69 -13.49 7.08
C ALA C 13 0.80 -13.37 6.81
N PHE C 14 1.59 -14.35 7.26
CA PHE C 14 3.01 -14.37 6.94
C PHE C 14 3.23 -14.44 5.43
N GLN C 15 2.54 -15.36 4.76
CA GLN C 15 2.68 -15.47 3.31
C GLN C 15 2.13 -14.24 2.61
N ALA C 16 1.12 -13.59 3.19
CA ALA C 16 0.58 -12.37 2.59
C ALA C 16 1.59 -11.24 2.64
N GLU C 17 2.22 -11.03 3.80
CA GLU C 17 3.20 -9.95 3.92
C GLU C 17 4.47 -10.26 3.14
N VAL C 18 4.85 -11.53 3.02
CA VAL C 18 5.99 -11.88 2.18
C VAL C 18 5.67 -11.57 0.72
N ASN C 19 4.44 -11.86 0.29
CA ASN C 19 4.05 -11.57 -1.09
C ASN C 19 4.11 -10.07 -1.37
N ARG C 20 3.60 -9.26 -0.44
CA ARG C 20 3.65 -7.81 -0.63
C ARG C 20 5.09 -7.31 -0.64
N MET C 21 5.94 -7.87 0.22
CA MET C 21 7.34 -7.43 0.29
C MET C 21 8.08 -7.78 -0.98
N MET C 22 7.85 -9.00 -1.52
CA MET C 22 8.51 -9.38 -2.77
C MET C 22 8.13 -8.45 -3.90
N LYS C 23 6.87 -8.03 -3.95
CA LYS C 23 6.42 -7.14 -5.02
C LYS C 23 7.15 -5.80 -4.94
N LEU C 24 7.13 -5.17 -3.77
CA LEU C 24 7.72 -3.84 -3.63
C LEU C 24 9.23 -3.86 -3.90
N ILE C 25 9.91 -4.92 -3.45
CA ILE C 25 11.36 -4.97 -3.61
C ILE C 25 11.73 -5.18 -5.07
N ILE C 26 11.06 -6.12 -5.74
CA ILE C 26 11.33 -6.36 -7.16
C ILE C 26 10.88 -5.18 -8.01
N ASN C 27 9.75 -4.57 -7.66
CA ASN C 27 9.29 -3.39 -8.37
C ASN C 27 10.34 -2.28 -8.35
N SER C 28 10.97 -2.05 -7.20
CA SER C 28 12.02 -1.04 -7.11
C SER C 28 13.28 -1.49 -7.83
N LEU C 29 13.53 -2.81 -7.89
CA LEU C 29 14.66 -3.32 -8.66
C LEU C 29 14.50 -2.99 -10.14
N TYR C 30 13.26 -2.90 -10.63
CA TYR C 30 13.03 -2.54 -12.03
C TYR C 30 13.48 -1.11 -12.29
N LYS C 31 13.08 -0.18 -11.44
CA LYS C 31 13.30 1.24 -11.70
C LYS C 31 14.62 1.74 -11.12
N ASN C 32 14.64 1.98 -9.82
CA ASN C 32 15.68 2.80 -9.20
C ASN C 32 16.49 2.10 -8.12
N LYS C 33 15.99 1.03 -7.51
CA LYS C 33 16.59 0.42 -6.32
C LYS C 33 16.71 1.41 -5.17
N GLU C 34 15.79 2.39 -5.11
CA GLU C 34 15.85 3.46 -4.13
C GLU C 34 14.96 3.23 -2.91
N ILE C 35 14.26 2.09 -2.85
CA ILE C 35 13.30 1.88 -1.77
C ILE C 35 14.05 1.69 -0.45
N PHE C 36 15.27 1.16 -0.50
CA PHE C 36 16.05 0.99 0.72
C PHE C 36 16.26 2.32 1.40
N LEU C 37 16.51 3.38 0.63
CA LEU C 37 16.67 4.70 1.22
C LEU C 37 15.34 5.26 1.67
N ARG C 38 14.28 5.06 0.88
CA ARG C 38 12.95 5.48 1.31
C ARG C 38 12.56 4.79 2.62
N GLU C 39 12.88 3.51 2.76
CA GLU C 39 12.57 2.79 3.98
C GLU C 39 13.45 3.25 5.13
N LEU C 40 14.74 3.50 4.87
CA LEU C 40 15.63 4.01 5.90
C LEU C 40 15.09 5.30 6.51
N ILE C 41 14.61 6.21 5.67
CA ILE C 41 14.07 7.47 6.16
C ILE C 41 12.72 7.25 6.83
N SER C 42 11.90 6.35 6.28
CA SER C 42 10.57 6.11 6.84
C SER C 42 10.66 5.48 8.23
N ASN C 43 11.44 4.41 8.35
CA ASN C 43 11.56 3.72 9.63
C ASN C 43 12.22 4.60 10.68
N ALA C 44 13.17 5.45 10.29
CA ALA C 44 13.74 6.41 11.23
C ALA C 44 12.69 7.43 11.67
N SER C 45 11.84 7.87 10.74
CA SER C 45 10.77 8.80 11.10
C SER C 45 9.78 8.17 12.07
N ASP C 46 9.40 6.91 11.84
CA ASP C 46 8.47 6.25 12.75
C ASP C 46 9.07 6.11 14.14
N ALA C 47 10.34 5.70 14.23
CA ALA C 47 10.99 5.59 15.52
C ALA C 47 11.04 6.92 16.26
N LEU C 48 11.20 8.02 15.52
CA LEU C 48 11.10 9.34 16.14
C LEU C 48 9.69 9.61 16.63
N ASP C 49 8.68 9.15 15.89
CA ASP C 49 7.30 9.34 16.32
C ASP C 49 6.99 8.54 17.58
N LYS C 50 7.57 7.34 17.70
CA LYS C 50 7.26 6.48 18.84
C LYS C 50 7.66 7.14 20.16
N ILE C 51 8.78 7.87 20.17
CA ILE C 51 9.25 8.42 21.43
C ILE C 51 8.54 9.72 21.78
N ARG C 52 8.14 10.51 20.78
CA ARG C 52 7.35 11.69 21.08
C ARG C 52 5.98 11.32 21.65
N LEU C 53 5.42 10.20 21.19
CA LEU C 53 4.23 9.66 21.84
C LEU C 53 4.55 9.24 23.27
N ILE C 54 5.71 8.61 23.48
CA ILE C 54 6.14 8.25 24.82
C ILE C 54 6.37 9.48 25.67
N SER C 55 6.83 10.58 25.05
CA SER C 55 7.14 11.79 25.80
C SER C 55 5.91 12.45 26.41
N LEU C 56 4.71 12.07 25.97
CA LEU C 56 3.49 12.66 26.51
C LEU C 56 3.13 12.06 27.87
N THR C 57 3.41 10.78 28.08
CA THR C 57 3.16 10.11 29.35
C THR C 57 4.39 10.02 30.23
N ASP C 58 5.58 10.29 29.69
CA ASP C 58 6.82 10.27 30.44
C ASP C 58 7.63 11.49 30.01
N GLU C 59 7.85 12.43 30.93
CA GLU C 59 8.44 13.70 30.55
C GLU C 59 9.95 13.61 30.35
N ASN C 60 10.65 12.76 31.10
CA ASN C 60 12.10 12.68 31.03
C ASN C 60 12.59 11.68 30.00
N ALA C 61 11.73 11.24 29.08
CA ALA C 61 12.17 10.31 28.04
C ALA C 61 13.13 10.98 27.07
N LEU C 62 12.87 12.22 26.69
CA LEU C 62 13.72 12.95 25.77
C LEU C 62 15.00 13.45 26.42
N ALA C 63 15.20 13.19 27.72
CA ALA C 63 16.36 13.74 28.41
C ALA C 63 17.67 13.02 28.06
N GLY C 64 17.58 11.81 27.50
CA GLY C 64 18.79 11.14 27.04
C GLY C 64 19.41 11.79 25.82
N ASN C 65 18.57 12.41 24.98
CA ASN C 65 19.04 13.21 23.85
C ASN C 65 17.88 14.12 23.48
N GLU C 66 18.04 15.42 23.73
CA GLU C 66 16.94 16.36 23.55
C GLU C 66 16.59 16.58 22.07
N GLU C 67 17.45 16.15 21.15
CA GLU C 67 17.19 16.34 19.73
C GLU C 67 16.26 15.25 19.19
N LEU C 68 15.70 15.51 18.00
CA LEU C 68 14.83 14.56 17.29
C LEU C 68 15.19 14.68 15.79
N THR C 69 16.30 14.08 15.42
CA THR C 69 16.91 14.29 14.12
C THR C 69 17.03 12.99 13.33
N VAL C 70 17.37 13.14 12.06
CA VAL C 70 17.86 12.07 11.20
C VAL C 70 19.10 12.61 10.51
N LYS C 71 20.25 12.00 10.78
CA LYS C 71 21.52 12.49 10.28
C LYS C 71 22.19 11.41 9.44
N ILE C 72 22.50 11.74 8.19
CA ILE C 72 23.04 10.79 7.22
C ILE C 72 24.45 11.21 6.86
N LYS C 73 25.39 10.28 6.97
CA LYS C 73 26.80 10.56 6.71
C LYS C 73 27.36 9.55 5.72
N CYS C 74 28.25 10.02 4.86
CA CYS C 74 28.84 9.21 3.82
C CYS C 74 30.32 8.99 4.07
N ASP C 75 30.78 7.76 3.88
CA ASP C 75 32.20 7.41 4.09
C ASP C 75 32.67 6.70 2.82
N LYS C 76 33.16 7.48 1.86
CA LYS C 76 33.51 6.93 0.56
C LYS C 76 34.74 6.04 0.62
N GLU C 77 35.65 6.28 1.56
CA GLU C 77 36.83 5.42 1.67
C GLU C 77 36.45 4.04 2.16
N LYS C 78 35.77 3.96 3.31
CA LYS C 78 35.35 2.69 3.87
C LYS C 78 34.10 2.12 3.19
N ASN C 79 33.48 2.87 2.28
CA ASN C 79 32.31 2.42 1.51
C ASN C 79 31.15 2.06 2.43
N LEU C 80 30.77 3.02 3.28
CA LEU C 80 29.73 2.84 4.28
C LEU C 80 28.72 3.96 4.22
N LEU C 81 27.46 3.62 4.50
CA LEU C 81 26.37 4.59 4.59
C LEU C 81 25.77 4.49 5.99
N HIS C 82 25.77 5.61 6.71
CA HIS C 82 25.23 5.67 8.06
C HIS C 82 23.96 6.52 8.07
N VAL C 83 22.90 5.97 8.65
CA VAL C 83 21.64 6.70 8.85
C VAL C 83 21.34 6.66 10.34
N THR C 84 21.50 7.80 11.00
CA THR C 84 21.40 7.89 12.45
C THR C 84 20.16 8.71 12.82
N ASP C 85 19.29 8.12 13.63
CA ASP C 85 18.14 8.83 14.18
C ASP C 85 18.18 8.77 15.70
N THR C 86 17.56 9.76 16.34
CA THR C 86 17.42 9.81 17.79
C THR C 86 16.03 9.39 18.23
N GLY C 87 15.50 8.31 17.65
CA GLY C 87 14.20 7.80 18.00
C GLY C 87 14.23 7.04 19.31
N VAL C 88 13.22 6.18 19.48
CA VAL C 88 13.05 5.45 20.74
C VAL C 88 14.21 4.51 20.99
N GLY C 89 14.83 4.00 19.93
CA GLY C 89 15.90 3.03 20.08
C GLY C 89 15.36 1.63 20.30
N MET C 90 16.28 0.70 20.50
CA MET C 90 15.92 -0.71 20.68
C MET C 90 16.75 -1.32 21.80
N THR C 91 16.10 -2.12 22.64
CA THR C 91 16.79 -2.89 23.65
C THR C 91 17.45 -4.11 23.02
N ARG C 92 18.32 -4.78 23.80
CA ARG C 92 18.96 -5.99 23.29
C ARG C 92 17.94 -7.07 22.95
N GLU C 93 16.83 -7.13 23.70
CA GLU C 93 15.79 -8.11 23.37
C GLU C 93 15.13 -7.78 22.05
N GLU C 94 14.93 -6.50 21.75
CA GLU C 94 14.36 -6.11 20.47
C GLU C 94 15.30 -6.43 19.32
N LEU C 95 16.61 -6.21 19.53
CA LEU C 95 17.58 -6.59 18.51
C LEU C 95 17.63 -8.10 18.30
N VAL C 96 17.40 -8.87 19.37
CA VAL C 96 17.46 -10.33 19.24
C VAL C 96 16.26 -10.84 18.45
N LYS C 97 15.08 -10.29 18.70
CA LYS C 97 13.90 -10.69 17.94
C LYS C 97 13.93 -10.10 16.53
N ASN C 98 14.62 -8.96 16.35
CA ASN C 98 14.67 -8.20 15.12
C ASN C 98 13.32 -8.17 14.40
N LEU C 99 13.27 -8.64 13.16
CA LEU C 99 12.01 -8.74 12.42
C LEU C 99 11.47 -10.17 12.40
N GLY C 100 11.90 -11.01 13.34
CA GLY C 100 11.33 -12.33 13.51
C GLY C 100 11.82 -13.39 12.55
N THR C 101 12.75 -13.07 11.65
CA THR C 101 13.19 -14.02 10.64
C THR C 101 14.68 -14.30 10.66
N ILE C 102 15.49 -13.46 11.30
CA ILE C 102 16.93 -13.62 11.30
C ILE C 102 17.32 -14.28 12.62
N ALA C 103 17.98 -15.42 12.54
CA ALA C 103 18.33 -16.21 13.70
C ALA C 103 19.78 -15.95 14.13
N LYS C 104 20.09 -16.33 15.36
CA LYS C 104 21.44 -16.20 15.88
C LYS C 104 22.41 -17.02 15.04
N SER C 105 23.64 -16.52 14.93
CA SER C 105 24.65 -17.21 14.15
C SER C 105 24.94 -18.59 14.73
N GLY C 106 25.03 -19.59 13.86
CA GLY C 106 25.24 -20.96 14.26
C GLY C 106 23.99 -21.74 14.58
N THR C 107 22.83 -21.09 14.62
CA THR C 107 21.55 -21.76 14.83
C THR C 107 20.89 -22.07 13.48
N SER C 108 21.58 -22.90 12.70
CA SER C 108 21.06 -23.29 11.39
C SER C 108 19.88 -24.24 11.53
N GLU C 109 20.07 -25.34 12.27
CA GLU C 109 19.01 -26.31 12.49
C GLU C 109 18.31 -26.00 13.81
N PHE C 110 16.98 -25.92 13.76
CA PHE C 110 16.16 -25.63 14.94
C PHE C 110 16.56 -24.31 15.60
N GLY C 121 4.58 -10.97 22.23
CA GLY C 121 4.73 -9.68 21.61
C GLY C 121 4.21 -9.62 20.18
N GLN C 122 4.91 -8.89 19.33
CA GLN C 122 4.50 -8.78 17.93
C GLN C 122 4.82 -10.06 17.17
N SER C 123 3.96 -10.40 16.23
CA SER C 123 4.11 -11.59 15.42
C SER C 123 5.12 -11.35 14.29
N THR C 124 5.69 -12.44 13.78
CA THR C 124 6.59 -12.32 12.64
C THR C 124 5.87 -11.74 11.43
N SER C 125 4.58 -12.02 11.29
CA SER C 125 3.80 -11.43 10.21
C SER C 125 3.76 -9.91 10.33
N GLU C 126 3.49 -9.41 11.53
CA GLU C 126 3.44 -7.96 11.72
C GLU C 126 4.81 -7.32 11.56
N LEU C 127 5.87 -8.03 11.95
CA LEU C 127 7.22 -7.48 11.80
C LEU C 127 7.63 -7.43 10.33
N ILE C 128 7.29 -8.48 9.56
CA ILE C 128 7.63 -8.49 8.14
C ILE C 128 6.93 -7.34 7.42
N GLY C 129 5.64 -7.14 7.71
CA GLY C 129 4.88 -6.11 7.05
C GLY C 129 5.35 -4.71 7.36
N GLN C 130 6.04 -4.52 8.49
CA GLN C 130 6.52 -3.20 8.87
C GLN C 130 7.99 -2.98 8.57
N PHE C 131 8.83 -4.02 8.67
CA PHE C 131 10.26 -3.87 8.51
C PHE C 131 10.88 -4.81 7.48
N GLY C 132 10.15 -5.81 6.98
CA GLY C 132 10.74 -6.73 6.03
C GLY C 132 11.24 -6.04 4.77
N VAL C 133 10.49 -5.04 4.29
CA VAL C 133 10.90 -4.32 3.09
C VAL C 133 12.19 -3.54 3.35
N GLY C 134 12.24 -2.80 4.45
CA GLY C 134 13.42 -2.00 4.74
C GLY C 134 14.67 -2.84 4.93
N PHE C 135 14.54 -3.96 5.66
CA PHE C 135 15.72 -4.78 5.94
C PHE C 135 16.21 -5.49 4.68
N TYR C 136 15.31 -6.17 3.96
CA TYR C 136 15.74 -6.99 2.85
C TYR C 136 16.13 -6.17 1.62
N SER C 137 15.50 -5.00 1.42
CA SER C 137 15.86 -4.17 0.28
C SER C 137 17.23 -3.53 0.45
N ALA C 138 17.74 -3.45 1.68
CA ALA C 138 19.08 -2.91 1.89
C ALA C 138 20.14 -3.75 1.20
N PHE C 139 19.87 -5.04 1.03
CA PHE C 139 20.82 -5.93 0.36
C PHE C 139 20.76 -5.81 -1.15
N LEU C 140 19.98 -4.86 -1.67
CA LEU C 140 20.11 -4.49 -3.08
C LEU C 140 21.45 -3.82 -3.35
N VAL C 141 22.02 -3.15 -2.35
CA VAL C 141 23.22 -2.35 -2.52
C VAL C 141 24.26 -2.69 -1.45
N ALA C 142 23.86 -3.41 -0.42
CA ALA C 142 24.73 -3.69 0.71
C ALA C 142 24.92 -5.18 0.90
N ASP C 143 26.11 -5.56 1.37
CA ASP C 143 26.40 -6.94 1.73
C ASP C 143 26.10 -7.24 3.19
N LYS C 144 25.97 -6.21 4.02
CA LYS C 144 25.70 -6.40 5.45
C LYS C 144 24.91 -5.21 5.97
N VAL C 145 24.03 -5.48 6.93
CA VAL C 145 23.29 -4.45 7.64
C VAL C 145 23.73 -4.49 9.09
N ILE C 146 24.31 -3.39 9.56
CA ILE C 146 24.76 -3.26 10.95
C ILE C 146 23.87 -2.24 11.64
N VAL C 147 23.44 -2.57 12.85
CA VAL C 147 22.48 -1.76 13.60
C VAL C 147 23.10 -1.41 14.95
N THR C 148 23.29 -0.13 15.20
CA THR C 148 23.72 0.38 16.50
C THR C 148 22.54 1.12 17.12
N SER C 149 22.11 0.67 18.29
CA SER C 149 20.90 1.22 18.90
C SER C 149 21.10 1.36 20.41
N LYS C 150 20.31 2.25 21.00
CA LYS C 150 20.38 2.54 22.43
C LYS C 150 18.99 2.94 22.90
N HIS C 151 18.44 2.17 23.84
CA HIS C 151 17.12 2.42 24.41
C HIS C 151 17.26 3.02 25.80
N ASN C 152 16.18 3.66 26.27
CA ASN C 152 16.20 4.27 27.59
C ASN C 152 16.40 3.24 28.68
N ASN C 153 15.80 2.05 28.54
CA ASN C 153 15.81 1.03 29.57
C ASN C 153 16.91 -0.01 29.36
N ASP C 154 17.95 0.31 28.60
CA ASP C 154 18.98 -0.67 28.30
C ASP C 154 20.26 0.06 27.91
N THR C 155 21.33 -0.71 27.77
CA THR C 155 22.61 -0.18 27.32
C THR C 155 22.64 -0.14 25.78
N GLN C 156 23.79 0.21 25.21
CA GLN C 156 23.95 0.31 23.77
C GLN C 156 24.56 -0.97 23.23
N HIS C 157 24.00 -1.46 22.12
CA HIS C 157 24.46 -2.70 21.50
C HIS C 157 24.71 -2.46 20.02
N ILE C 158 25.35 -3.44 19.39
CA ILE C 158 25.61 -3.44 17.95
C ILE C 158 25.12 -4.76 17.38
N TRP C 159 24.35 -4.70 16.30
CA TRP C 159 23.68 -5.86 15.72
C TRP C 159 24.02 -5.89 14.23
N GLU C 160 24.61 -7.01 13.78
CA GLU C 160 25.05 -7.14 12.40
C GLU C 160 24.49 -8.43 11.79
N SER C 161 24.04 -8.34 10.54
CA SER C 161 23.44 -9.46 9.85
C SER C 161 23.87 -9.49 8.39
N ASP C 162 23.89 -10.71 7.84
CA ASP C 162 24.19 -10.93 6.43
C ASP C 162 22.95 -11.32 5.64
N SER C 163 21.79 -10.82 6.07
CA SER C 163 20.45 -11.09 5.54
C SER C 163 19.87 -12.39 6.09
N ASN C 164 20.73 -13.30 6.57
CA ASN C 164 20.28 -14.60 7.04
C ASN C 164 20.38 -14.73 8.56
N GLU C 165 21.59 -14.68 9.12
CA GLU C 165 21.80 -14.81 10.55
C GLU C 165 22.37 -13.51 11.10
N PHE C 166 22.38 -13.41 12.44
CA PHE C 166 22.87 -12.20 13.09
C PHE C 166 23.77 -12.57 14.27
N SER C 167 24.50 -11.55 14.74
CA SER C 167 25.20 -11.60 16.01
C SER C 167 25.02 -10.24 16.68
N VAL C 168 25.12 -10.22 18.00
CA VAL C 168 24.93 -8.99 18.76
C VAL C 168 25.94 -8.94 19.89
N ILE C 169 26.54 -7.76 20.09
CA ILE C 169 27.47 -7.51 21.17
C ILE C 169 27.06 -6.21 21.86
N ALA C 170 27.67 -5.96 23.02
CA ALA C 170 27.56 -4.66 23.65
C ALA C 170 28.54 -3.69 22.98
N ASP C 171 28.11 -2.46 22.81
CA ASP C 171 28.95 -1.46 22.17
C ASP C 171 30.17 -1.18 23.04
N PRO C 172 31.38 -1.48 22.58
CA PRO C 172 32.57 -1.21 23.40
C PRO C 172 32.80 0.27 23.67
N ARG C 173 32.20 1.16 22.89
CA ARG C 173 32.31 2.60 23.12
C ARG C 173 31.32 3.11 24.17
N GLY C 174 30.43 2.25 24.66
CA GLY C 174 29.45 2.69 25.65
C GLY C 174 28.27 3.39 25.00
N ASN C 175 27.74 4.39 25.72
CA ASN C 175 26.56 5.13 25.27
C ASN C 175 27.01 6.26 24.35
N THR C 176 27.29 5.90 23.09
CA THR C 176 27.71 6.88 22.10
C THR C 176 26.53 7.70 21.59
N LEU C 177 25.42 7.05 21.29
CA LEU C 177 24.28 7.72 20.67
C LEU C 177 23.44 8.50 21.68
N GLY C 178 23.57 8.22 22.97
CA GLY C 178 22.68 8.82 23.95
C GLY C 178 21.30 8.22 23.86
N ARG C 179 20.77 8.15 22.64
CA ARG C 179 19.46 7.56 22.34
C ARG C 179 19.30 7.47 20.83
N GLY C 180 18.55 6.48 20.40
CA GLY C 180 18.25 6.31 18.98
C GLY C 180 19.04 5.17 18.36
N THR C 181 19.03 5.16 17.03
CA THR C 181 19.58 4.05 16.26
C THR C 181 20.38 4.58 15.08
N THR C 182 21.54 3.96 14.84
CA THR C 182 22.31 4.15 13.61
C THR C 182 22.17 2.89 12.78
N ILE C 183 21.77 3.04 11.52
CA ILE C 183 21.78 1.94 10.55
C ILE C 183 22.99 2.14 9.65
N THR C 184 23.86 1.14 9.60
CA THR C 184 25.08 1.20 8.81
C THR C 184 24.99 0.14 7.71
N LEU C 185 24.99 0.59 6.45
CA LEU C 185 24.98 -0.31 5.31
C LEU C 185 26.41 -0.49 4.82
N VAL C 186 26.91 -1.73 4.85
CA VAL C 186 28.20 -2.05 4.26
C VAL C 186 27.98 -2.21 2.76
N LEU C 187 28.16 -1.12 2.02
CA LEU C 187 27.78 -1.09 0.62
C LEU C 187 28.67 -2.01 -0.21
N LYS C 188 28.10 -2.54 -1.29
CA LYS C 188 28.89 -3.27 -2.27
C LYS C 188 29.73 -2.29 -3.08
N GLU C 189 30.80 -2.82 -3.68
CA GLU C 189 31.63 -1.99 -4.55
C GLU C 189 30.85 -1.53 -5.77
N GLU C 190 29.91 -2.35 -6.25
CA GLU C 190 29.10 -1.98 -7.40
C GLU C 190 28.18 -0.80 -7.11
N ALA C 191 27.86 -0.55 -5.84
CA ALA C 191 26.97 0.54 -5.46
C ALA C 191 27.71 1.74 -4.90
N SER C 192 29.00 1.89 -5.22
CA SER C 192 29.79 3.00 -4.70
C SER C 192 29.27 4.34 -5.20
N ASP C 193 28.63 4.36 -6.37
CA ASP C 193 28.04 5.60 -6.87
C ASP C 193 26.93 6.13 -5.97
N TYR C 194 26.35 5.28 -5.12
CA TYR C 194 25.26 5.71 -4.24
C TYR C 194 25.72 6.66 -3.16
N LEU C 195 27.02 6.80 -2.95
CA LEU C 195 27.54 7.66 -1.92
C LEU C 195 28.12 8.96 -2.49
N GLU C 196 27.87 9.23 -3.76
CA GLU C 196 28.14 10.56 -4.30
C GLU C 196 27.30 11.57 -3.55
N LEU C 197 27.97 12.63 -3.06
CA LEU C 197 27.29 13.59 -2.21
C LEU C 197 26.05 14.18 -2.88
N ASP C 198 26.17 14.54 -4.15
CA ASP C 198 25.02 15.07 -4.87
C ASP C 198 23.94 14.01 -5.02
N THR C 199 24.34 12.75 -5.22
CA THR C 199 23.36 11.68 -5.37
C THR C 199 22.58 11.46 -4.08
N ILE C 200 23.30 11.39 -2.95
CA ILE C 200 22.63 11.17 -1.66
C ILE C 200 21.72 12.35 -1.33
N LYS C 201 22.23 13.57 -1.50
CA LYS C 201 21.46 14.76 -1.11
C LYS C 201 20.16 14.86 -1.90
N ASN C 202 20.22 14.62 -3.21
CA ASN C 202 19.00 14.70 -4.02
C ASN C 202 18.04 13.58 -3.67
N LEU C 203 18.56 12.38 -3.38
CA LEU C 203 17.70 11.28 -2.99
C LEU C 203 17.08 11.52 -1.62
N VAL C 204 17.88 11.98 -0.66
CA VAL C 204 17.35 12.28 0.68
C VAL C 204 16.36 13.43 0.61
N LYS C 205 16.63 14.42 -0.24
CA LYS C 205 15.71 15.54 -0.39
C LYS C 205 14.37 15.09 -0.95
N LYS C 206 14.37 14.05 -1.79
CA LYS C 206 13.12 13.60 -2.39
C LYS C 206 12.26 12.84 -1.39
N TYR C 207 12.87 12.03 -0.53
CA TYR C 207 12.13 11.17 0.38
C TYR C 207 11.97 11.76 1.77
N SER C 208 12.35 13.02 1.98
CA SER C 208 12.22 13.67 3.27
C SER C 208 11.27 14.85 3.27
N GLN C 209 10.66 15.19 2.14
CA GLN C 209 9.86 16.40 2.07
C GLN C 209 8.60 16.32 2.94
N PHE C 210 8.12 15.11 3.21
CA PHE C 210 6.91 14.91 4.00
C PHE C 210 7.21 14.37 5.40
N ILE C 211 8.45 14.38 5.82
CA ILE C 211 8.83 13.96 7.17
C ILE C 211 8.83 15.19 8.07
N ASN C 212 8.06 15.12 9.16
CA ASN C 212 7.92 16.27 10.06
C ASN C 212 9.17 16.51 10.90
N PHE C 213 10.17 15.62 10.85
CA PHE C 213 11.40 15.80 11.59
C PHE C 213 12.50 16.32 10.68
N PRO C 214 13.43 17.10 11.20
CA PRO C 214 14.55 17.58 10.38
C PRO C 214 15.47 16.44 9.98
N ILE C 215 15.87 16.44 8.72
CA ILE C 215 16.75 15.42 8.17
C ILE C 215 17.98 16.11 7.58
N TYR C 216 19.15 15.76 8.09
CA TYR C 216 20.40 16.38 7.66
C TYR C 216 21.26 15.36 6.92
N VAL C 217 22.16 15.90 6.10
CA VAL C 217 23.16 15.11 5.39
C VAL C 217 24.51 15.78 5.60
N TRP C 218 25.50 15.00 6.03
CA TRP C 218 26.86 15.51 6.16
C TRP C 218 27.36 15.98 4.80
N SER C 219 27.38 17.28 4.58
CA SER C 219 27.70 17.87 3.28
C SER C 219 28.95 18.73 3.39
N SER C 220 29.42 19.16 2.22
CA SER C 220 30.60 20.01 2.12
C SER C 220 30.24 21.31 1.41
N LYS C 221 30.97 22.37 1.75
CA LYS C 221 30.77 23.68 1.14
C LYS C 221 31.99 24.54 1.44
N THR C 222 32.51 25.22 0.42
CA THR C 222 33.68 26.06 0.58
C THR C 222 33.31 27.54 0.41
N THR C 228 36.92 24.47 2.01
CA THR C 228 36.11 23.25 2.14
C THR C 228 35.84 22.94 3.61
N VAL C 229 34.58 23.10 4.01
CA VAL C 229 34.15 22.80 5.38
C VAL C 229 33.01 21.79 5.32
N TRP C 230 32.95 20.92 6.32
CA TRP C 230 31.91 19.90 6.43
C TRP C 230 31.01 20.22 7.61
N ASP C 231 29.70 20.06 7.41
CA ASP C 231 28.71 20.37 8.44
C ASP C 231 27.37 19.77 8.01
N TRP C 232 26.46 19.69 8.97
CA TRP C 232 25.13 19.14 8.69
C TRP C 232 24.33 20.13 7.85
N GLU C 233 23.78 19.64 6.74
CA GLU C 233 22.98 20.45 5.83
C GLU C 233 21.53 19.98 5.89
N LEU C 234 20.63 20.90 6.21
CA LEU C 234 19.21 20.57 6.28
C LEU C 234 18.68 20.25 4.89
N MET C 235 18.07 19.08 4.74
CA MET C 235 17.55 18.65 3.45
C MET C 235 16.05 18.90 3.29
N ASN C 236 15.35 19.24 4.37
CA ASN C 236 13.93 19.56 4.29
C ASN C 236 13.55 20.69 5.24
N GLU D 10 -14.61 22.18 -19.33
CA GLU D 10 -14.00 22.30 -20.65
C GLU D 10 -12.51 22.61 -20.55
N LYS D 11 -12.20 23.87 -20.26
CA LYS D 11 -10.80 24.29 -20.13
C LYS D 11 -10.17 23.70 -18.88
N PHE D 12 -10.92 23.66 -17.77
CA PHE D 12 -10.39 23.13 -16.52
C PHE D 12 -11.09 21.82 -16.15
N ALA D 13 -11.20 20.90 -17.11
CA ALA D 13 -11.95 19.67 -16.87
C ALA D 13 -11.32 18.84 -15.76
N PHE D 14 -9.99 18.69 -15.78
CA PHE D 14 -9.33 17.89 -14.75
C PHE D 14 -9.42 18.54 -13.38
N GLN D 15 -9.18 19.85 -13.31
CA GLN D 15 -9.22 20.53 -12.03
C GLN D 15 -10.62 20.50 -11.42
N ALA D 16 -11.65 20.78 -12.23
CA ALA D 16 -13.02 20.77 -11.72
C ALA D 16 -13.40 19.40 -11.18
N GLU D 17 -12.95 18.33 -11.84
CA GLU D 17 -13.26 16.99 -11.38
C GLU D 17 -12.52 16.66 -10.09
N VAL D 18 -11.28 17.15 -9.96
CA VAL D 18 -10.57 17.01 -8.69
C VAL D 18 -11.28 17.78 -7.60
N ASN D 19 -11.73 19.00 -7.91
CA ASN D 19 -12.45 19.79 -6.92
C ASN D 19 -13.79 19.17 -6.56
N ARG D 20 -14.45 18.53 -7.53
CA ARG D 20 -15.72 17.87 -7.24
C ARG D 20 -15.53 16.67 -6.32
N MET D 21 -14.50 15.85 -6.58
CA MET D 21 -14.27 14.67 -5.76
C MET D 21 -13.78 15.04 -4.36
N MET D 22 -12.89 16.03 -4.27
CA MET D 22 -12.41 16.46 -2.96
C MET D 22 -13.53 17.06 -2.12
N LYS D 23 -14.42 17.84 -2.74
CA LYS D 23 -15.55 18.38 -2.00
C LYS D 23 -16.52 17.27 -1.58
N LEU D 24 -16.78 16.32 -2.48
CA LEU D 24 -17.70 15.23 -2.17
C LEU D 24 -17.18 14.38 -1.01
N ILE D 25 -15.89 14.03 -1.05
CA ILE D 25 -15.33 13.16 -0.01
C ILE D 25 -15.22 13.92 1.30
N ILE D 26 -14.81 15.18 1.27
CA ILE D 26 -14.66 15.97 2.49
C ILE D 26 -16.01 16.18 3.15
N ASN D 27 -17.02 16.57 2.37
CA ASN D 27 -18.36 16.77 2.92
C ASN D 27 -18.92 15.49 3.51
N SER D 28 -18.56 14.34 2.94
CA SER D 28 -19.08 13.08 3.46
C SER D 28 -18.36 12.67 4.74
N LEU D 29 -17.05 12.91 4.81
CA LEU D 29 -16.27 12.43 5.95
C LEU D 29 -16.54 13.25 7.21
N TYR D 30 -16.65 14.56 7.07
CA TYR D 30 -16.76 15.44 8.22
C TYR D 30 -18.13 16.09 8.37
N LYS D 31 -18.84 16.32 7.26
CA LYS D 31 -20.21 16.85 7.27
C LYS D 31 -20.30 18.21 7.96
N ASN D 32 -19.16 18.76 8.36
CA ASN D 32 -19.10 20.03 9.06
C ASN D 32 -18.28 20.99 8.22
N LYS D 33 -18.94 22.02 7.67
CA LYS D 33 -18.25 23.01 6.85
C LYS D 33 -17.13 23.70 7.62
N GLU D 34 -17.19 23.71 8.95
CA GLU D 34 -16.15 24.32 9.78
C GLU D 34 -14.85 23.53 9.78
N ILE D 35 -14.77 22.42 9.04
CA ILE D 35 -13.54 21.64 8.97
C ILE D 35 -12.41 22.44 8.33
N PHE D 36 -12.73 23.49 7.58
CA PHE D 36 -11.69 24.31 6.97
C PHE D 36 -10.87 25.04 8.03
N LEU D 37 -11.52 25.50 9.10
CA LEU D 37 -10.78 26.20 10.15
C LEU D 37 -9.94 25.24 10.97
N ARG D 38 -10.43 24.02 11.19
CA ARG D 38 -9.65 23.02 11.91
C ARG D 38 -8.38 22.66 11.13
N GLU D 39 -8.49 22.55 9.81
CA GLU D 39 -7.31 22.26 9.00
C GLU D 39 -6.35 23.45 8.99
N LEU D 40 -6.89 24.67 8.91
CA LEU D 40 -6.02 25.85 8.93
C LEU D 40 -5.21 25.93 10.21
N ILE D 41 -5.79 25.51 11.34
CA ILE D 41 -5.08 25.56 12.61
C ILE D 41 -4.10 24.40 12.74
N SER D 42 -4.50 23.20 12.30
CA SER D 42 -3.61 22.05 12.40
C SER D 42 -2.44 22.17 11.43
N ASN D 43 -2.68 22.69 10.23
CA ASN D 43 -1.59 22.89 9.28
C ASN D 43 -0.59 23.92 9.79
N ALA D 44 -1.09 25.00 10.40
CA ALA D 44 -0.19 25.96 11.03
C ALA D 44 0.57 25.33 12.18
N SER D 45 -0.09 24.45 12.94
CA SER D 45 0.58 23.75 14.03
C SER D 45 1.72 22.89 13.52
N ASP D 46 1.49 22.17 12.42
CA ASP D 46 2.55 21.32 11.87
C ASP D 46 3.72 22.14 11.37
N ALA D 47 3.47 23.33 10.84
CA ALA D 47 4.57 24.19 10.39
C ALA D 47 5.36 24.73 11.57
N LEU D 48 4.67 25.09 12.65
CA LEU D 48 5.37 25.55 13.85
C LEU D 48 6.17 24.42 14.48
N ASP D 49 5.58 23.22 14.56
CA ASP D 49 6.30 22.08 15.11
C ASP D 49 7.53 21.74 14.26
N LYS D 50 7.45 21.93 12.95
CA LYS D 50 8.58 21.63 12.08
C LYS D 50 9.78 22.52 12.40
N ILE D 51 9.56 23.83 12.45
CA ILE D 51 10.68 24.74 12.72
C ILE D 51 11.11 24.68 14.19
N ARG D 52 10.18 24.39 15.10
CA ARG D 52 10.58 24.18 16.49
C ARG D 52 11.57 23.04 16.60
N LEU D 53 11.24 21.88 16.00
CA LEU D 53 12.14 20.73 16.02
C LEU D 53 13.51 21.07 15.44
N ILE D 54 13.55 21.93 14.42
CA ILE D 54 14.84 22.35 13.86
C ILE D 54 15.64 23.18 14.86
N SER D 55 14.94 23.96 15.70
CA SER D 55 15.63 24.86 16.62
C SER D 55 16.41 24.08 17.69
N LEU D 56 16.01 22.84 17.98
CA LEU D 56 16.72 22.03 18.95
C LEU D 56 18.11 21.62 18.48
N THR D 57 18.45 21.87 17.22
CA THR D 57 19.76 21.58 16.66
C THR D 57 20.48 22.83 16.16
N ASP D 58 19.76 23.76 15.56
CA ASP D 58 20.34 24.99 15.04
C ASP D 58 20.02 26.15 15.97
N GLU D 59 21.05 26.92 16.32
CA GLU D 59 20.87 28.04 17.25
C GLU D 59 20.29 29.28 16.57
N ASN D 60 20.39 29.39 15.25
CA ASN D 60 19.93 30.56 14.52
C ASN D 60 18.72 30.27 13.65
N ALA D 61 17.97 29.22 13.95
CA ALA D 61 16.81 28.87 13.12
C ALA D 61 15.72 29.92 13.22
N LEU D 62 15.49 30.46 14.42
CA LEU D 62 14.43 31.44 14.65
C LEU D 62 14.92 32.88 14.53
N ALA D 63 16.05 33.11 13.86
CA ALA D 63 16.60 34.46 13.76
C ALA D 63 15.66 35.41 13.01
N GLY D 64 14.90 34.89 12.04
CA GLY D 64 13.97 35.74 11.32
C GLY D 64 12.72 36.10 12.10
N ASN D 65 12.38 35.32 13.13
CA ASN D 65 11.20 35.56 13.95
C ASN D 65 11.26 34.70 15.21
N GLU D 66 11.49 35.31 16.37
CA GLU D 66 11.76 34.55 17.58
C GLU D 66 10.53 33.91 18.21
N GLU D 67 9.33 34.26 17.76
CA GLU D 67 8.11 33.73 18.35
C GLU D 67 7.52 32.63 17.47
N LEU D 68 6.79 31.73 18.12
CA LEU D 68 6.11 30.60 17.47
C LEU D 68 4.63 30.67 17.83
N THR D 69 3.88 31.49 17.07
CA THR D 69 2.49 31.77 17.37
C THR D 69 1.61 31.52 16.15
N VAL D 70 0.31 31.58 16.38
CA VAL D 70 -0.71 31.60 15.32
C VAL D 70 -1.61 32.80 15.58
N LYS D 71 -1.78 33.65 14.57
CA LYS D 71 -2.52 34.89 14.71
C LYS D 71 -3.60 34.96 13.64
N ILE D 72 -4.86 35.04 14.07
CA ILE D 72 -6.01 35.04 13.17
C ILE D 72 -6.66 36.42 13.22
N LYS D 73 -6.88 37.01 12.05
CA LYS D 73 -7.47 38.34 11.95
C LYS D 73 -8.57 38.33 10.90
N CYS D 74 -9.68 38.97 11.22
CA CYS D 74 -10.80 39.10 10.30
C CYS D 74 -10.77 40.47 9.62
N ASP D 75 -11.48 40.56 8.48
CA ASP D 75 -11.59 41.80 7.72
C ASP D 75 -13.00 41.81 7.10
N LYS D 76 -13.98 42.20 7.92
CA LYS D 76 -15.37 42.21 7.46
C LYS D 76 -15.56 43.15 6.27
N GLU D 77 -14.75 44.20 6.18
CA GLU D 77 -14.85 45.12 5.06
C GLU D 77 -14.48 44.44 3.75
N LYS D 78 -13.22 44.00 3.63
CA LYS D 78 -12.74 43.36 2.41
C LYS D 78 -13.16 41.90 2.30
N ASN D 79 -13.91 41.37 3.26
CA ASN D 79 -14.41 39.99 3.23
C ASN D 79 -13.25 38.99 3.16
N LEU D 80 -12.37 39.07 4.15
CA LEU D 80 -11.16 38.25 4.20
C LEU D 80 -10.98 37.63 5.58
N LEU D 81 -10.34 36.46 5.60
CA LEU D 81 -9.95 35.79 6.84
C LEU D 81 -8.48 35.42 6.73
N HIS D 82 -7.68 35.91 7.68
CA HIS D 82 -6.24 35.68 7.68
C HIS D 82 -5.87 34.74 8.81
N VAL D 83 -5.05 33.74 8.52
CA VAL D 83 -4.47 32.84 9.52
C VAL D 83 -2.97 32.85 9.31
N THR D 84 -2.24 33.49 10.22
CA THR D 84 -0.81 33.68 10.09
C THR D 84 -0.08 32.88 11.17
N ASP D 85 0.91 32.10 10.75
CA ASP D 85 1.76 31.37 11.67
C ASP D 85 3.21 31.69 11.37
N THR D 86 4.04 31.61 12.39
CA THR D 86 5.49 31.78 12.25
C THR D 86 6.19 30.43 12.14
N GLY D 87 5.60 29.50 11.39
CA GLY D 87 6.18 28.20 11.20
C GLY D 87 7.38 28.19 10.28
N VAL D 88 7.69 27.03 9.70
CA VAL D 88 8.89 26.89 8.89
C VAL D 88 8.79 27.68 7.59
N GLY D 89 7.58 27.98 7.13
CA GLY D 89 7.40 28.68 5.88
C GLY D 89 7.70 27.78 4.69
N MET D 90 7.54 28.36 3.50
CA MET D 90 7.70 27.61 2.26
C MET D 90 8.59 28.38 1.29
N THR D 91 9.48 27.65 0.63
CA THR D 91 10.27 28.23 -0.44
C THR D 91 9.41 28.46 -1.67
N ARG D 92 9.97 29.18 -2.65
CA ARG D 92 9.26 29.40 -3.89
C ARG D 92 9.01 28.09 -4.63
N GLU D 93 9.96 27.15 -4.55
CA GLU D 93 9.79 25.86 -5.21
C GLU D 93 8.59 25.10 -4.65
N GLU D 94 8.40 25.16 -3.32
CA GLU D 94 7.24 24.51 -2.72
C GLU D 94 5.94 25.15 -3.16
N LEU D 95 5.93 26.47 -3.36
CA LEU D 95 4.71 27.14 -3.82
C LEU D 95 4.40 26.79 -5.27
N VAL D 96 5.43 26.51 -6.07
CA VAL D 96 5.20 26.13 -7.47
C VAL D 96 4.56 24.75 -7.56
N LYS D 97 4.98 23.83 -6.68
CA LYS D 97 4.38 22.50 -6.67
C LYS D 97 2.99 22.53 -6.03
N ASN D 98 2.82 23.34 -4.99
CA ASN D 98 1.62 23.40 -4.16
C ASN D 98 0.99 22.01 -3.98
N LEU D 99 -0.20 21.81 -4.54
CA LEU D 99 -0.88 20.53 -4.41
C LEU D 99 -0.61 19.59 -5.57
N GLY D 100 -0.08 20.10 -6.68
CA GLY D 100 0.19 19.29 -7.85
C GLY D 100 -0.96 19.16 -8.82
N THR D 101 -2.19 19.42 -8.37
CA THR D 101 -3.37 19.32 -9.22
C THR D 101 -3.75 20.64 -9.86
N ILE D 102 -3.14 21.74 -9.45
CA ILE D 102 -3.48 23.07 -9.95
C ILE D 102 -2.50 23.45 -11.05
N ALA D 103 -3.02 23.85 -12.20
CA ALA D 103 -2.20 24.19 -13.35
C ALA D 103 -1.73 25.64 -13.28
N LYS D 104 -0.57 25.90 -13.88
CA LYS D 104 -0.07 27.27 -13.95
C LYS D 104 -1.03 28.15 -14.75
N SER D 105 -1.13 29.41 -14.34
CA SER D 105 -2.07 30.32 -14.98
C SER D 105 -1.73 30.52 -16.46
N GLY D 106 -2.73 30.34 -17.32
CA GLY D 106 -2.57 30.54 -18.74
C GLY D 106 -2.19 29.30 -19.51
N THR D 107 -1.56 28.31 -18.88
CA THR D 107 -1.12 27.11 -19.58
C THR D 107 -2.28 26.18 -19.91
N SER D 108 -3.19 26.65 -20.76
CA SER D 108 -4.33 25.85 -21.18
C SER D 108 -4.98 26.44 -22.42
N GLN D 122 2.62 8.96 -8.71
CA GLN D 122 2.86 10.35 -9.03
C GLN D 122 3.17 11.16 -7.77
N SER D 123 4.07 12.14 -7.91
CA SER D 123 4.37 13.04 -6.80
C SER D 123 3.18 13.93 -6.45
N THR D 124 2.26 14.14 -7.40
CA THR D 124 1.09 14.96 -7.13
C THR D 124 0.14 14.25 -6.17
N SER D 125 -0.10 12.95 -6.38
CA SER D 125 -1.05 12.23 -5.55
C SER D 125 -0.58 12.14 -4.11
N GLU D 126 0.73 12.03 -3.87
CA GLU D 126 1.22 12.06 -2.50
C GLU D 126 1.11 13.45 -1.89
N LEU D 127 1.15 14.49 -2.73
CA LEU D 127 0.89 15.84 -2.22
C LEU D 127 -0.57 16.01 -1.82
N ILE D 128 -1.50 15.52 -2.65
CA ILE D 128 -2.92 15.52 -2.29
C ILE D 128 -3.12 14.73 -1.00
N GLY D 129 -2.37 13.64 -0.84
CA GLY D 129 -2.47 12.88 0.39
C GLY D 129 -2.11 13.68 1.62
N GLN D 130 -1.13 14.58 1.50
CA GLN D 130 -0.68 15.31 2.68
C GLN D 130 -1.49 16.57 2.96
N PHE D 131 -1.89 17.31 1.92
CA PHE D 131 -2.53 18.61 2.11
C PHE D 131 -3.83 18.78 1.34
N GLY D 132 -4.34 17.73 0.70
CA GLY D 132 -5.52 17.87 -0.12
C GLY D 132 -6.75 18.32 0.67
N VAL D 133 -7.05 17.61 1.75
CA VAL D 133 -8.23 17.94 2.55
C VAL D 133 -8.06 19.31 3.19
N GLY D 134 -6.84 19.65 3.59
CA GLY D 134 -6.60 20.97 4.17
C GLY D 134 -6.82 22.09 3.18
N PHE D 135 -6.45 21.87 1.91
CA PHE D 135 -6.55 22.94 0.92
C PHE D 135 -7.96 23.03 0.35
N TYR D 136 -8.52 21.91 -0.10
CA TYR D 136 -9.80 21.96 -0.79
C TYR D 136 -10.98 22.21 0.14
N SER D 137 -10.83 21.94 1.44
CA SER D 137 -11.90 22.30 2.39
C SER D 137 -12.09 23.80 2.46
N ALA D 138 -11.03 24.58 2.21
CA ALA D 138 -11.15 26.03 2.24
C ALA D 138 -12.13 26.54 1.19
N PHE D 139 -12.30 25.80 0.10
CA PHE D 139 -13.24 26.21 -0.95
C PHE D 139 -14.68 25.85 -0.63
N LEU D 140 -14.93 25.23 0.52
CA LEU D 140 -16.31 25.10 1.00
C LEU D 140 -16.87 26.43 1.48
N VAL D 141 -16.01 27.39 1.81
CA VAL D 141 -16.45 28.66 2.38
C VAL D 141 -15.85 29.83 1.61
N ALA D 142 -14.85 29.55 0.77
CA ALA D 142 -14.12 30.60 0.08
C ALA D 142 -14.10 30.33 -1.41
N ASP D 143 -13.83 31.40 -2.18
CA ASP D 143 -13.70 31.31 -3.62
C ASP D 143 -12.26 31.46 -4.10
N LYS D 144 -11.34 31.84 -3.22
CA LYS D 144 -9.94 32.04 -3.59
C LYS D 144 -9.09 31.94 -2.33
N VAL D 145 -7.91 31.35 -2.47
CA VAL D 145 -6.98 31.16 -1.36
C VAL D 145 -5.68 31.87 -1.72
N ILE D 146 -5.15 32.66 -0.78
CA ILE D 146 -3.91 33.41 -0.98
C ILE D 146 -2.91 32.95 0.07
N VAL D 147 -1.70 32.61 -0.37
CA VAL D 147 -0.65 32.11 0.50
C VAL D 147 0.53 33.05 0.42
N THR D 148 0.88 33.67 1.56
CA THR D 148 2.07 34.49 1.69
C THR D 148 3.01 33.77 2.65
N SER D 149 4.17 33.36 2.15
CA SER D 149 5.08 32.53 2.94
C SER D 149 6.51 33.03 2.80
N LYS D 150 7.30 32.80 3.84
CA LYS D 150 8.71 33.15 3.86
C LYS D 150 9.48 32.02 4.52
N HIS D 151 10.43 31.43 3.80
CA HIS D 151 11.27 30.35 4.28
C HIS D 151 12.66 30.89 4.60
N ASN D 152 13.38 30.16 5.46
CA ASN D 152 14.67 30.65 5.94
C ASN D 152 15.68 30.81 4.83
N ASN D 153 15.73 29.87 3.89
CA ASN D 153 16.71 29.90 2.81
C ASN D 153 16.14 30.48 1.52
N ASP D 154 15.08 31.27 1.60
CA ASP D 154 14.45 31.80 0.40
C ASP D 154 13.81 33.14 0.72
N THR D 155 13.08 33.67 -0.26
CA THR D 155 12.48 35.00 -0.24
C THR D 155 10.97 34.90 -0.07
N GLN D 156 10.39 35.91 0.56
CA GLN D 156 8.94 35.96 0.73
C GLN D 156 8.24 36.05 -0.63
N HIS D 157 7.21 35.22 -0.81
CA HIS D 157 6.43 35.17 -2.04
C HIS D 157 4.95 35.18 -1.71
N ILE D 158 4.14 35.57 -2.69
CA ILE D 158 2.69 35.55 -2.59
C ILE D 158 2.14 34.59 -3.62
N TRP D 159 1.29 33.67 -3.17
CA TRP D 159 0.70 32.63 -4.00
C TRP D 159 -0.82 32.74 -3.92
N GLU D 160 -1.48 32.69 -5.07
CA GLU D 160 -2.93 32.73 -5.10
C GLU D 160 -3.45 31.68 -6.06
N SER D 161 -4.69 31.23 -5.82
CA SER D 161 -5.31 30.21 -6.66
C SER D 161 -6.81 30.19 -6.40
N ASP D 162 -7.55 29.80 -7.44
CA ASP D 162 -8.98 29.57 -7.35
C ASP D 162 -9.31 28.09 -7.52
N SER D 163 -8.35 27.22 -7.18
CA SER D 163 -8.43 25.76 -7.32
C SER D 163 -8.36 25.33 -8.79
N ASN D 164 -8.39 26.29 -9.71
CA ASN D 164 -8.22 25.98 -11.12
C ASN D 164 -6.79 26.29 -11.57
N GLU D 165 -6.44 27.57 -11.56
CA GLU D 165 -5.09 28.04 -11.89
C GLU D 165 -4.42 28.57 -10.64
N PHE D 166 -3.12 28.85 -10.76
CA PHE D 166 -2.37 29.46 -9.68
C PHE D 166 -1.30 30.36 -10.25
N SER D 167 -0.92 31.38 -9.49
CA SER D 167 0.13 32.30 -9.86
C SER D 167 0.97 32.64 -8.64
N VAL D 168 2.28 32.71 -8.83
CA VAL D 168 3.23 32.99 -7.75
C VAL D 168 4.09 34.17 -8.17
N ILE D 169 4.33 35.09 -7.24
CA ILE D 169 5.17 36.26 -7.49
C ILE D 169 6.03 36.52 -6.26
N ALA D 170 7.07 37.33 -6.47
CA ALA D 170 7.87 37.85 -5.38
C ALA D 170 7.13 39.01 -4.71
N ASP D 171 7.14 39.02 -3.38
CA ASP D 171 6.38 40.03 -2.64
C ASP D 171 7.06 41.39 -2.74
N PRO D 172 6.41 42.41 -3.31
CA PRO D 172 7.04 43.73 -3.40
C PRO D 172 7.34 44.36 -2.05
N ARG D 173 6.70 43.91 -0.97
CA ARG D 173 6.96 44.44 0.35
C ARG D 173 8.24 43.87 0.99
N GLY D 174 8.83 42.84 0.39
CA GLY D 174 10.01 42.24 0.97
C GLY D 174 9.69 41.29 2.11
N ASN D 175 10.72 41.03 2.92
CA ASN D 175 10.62 40.10 4.05
C ASN D 175 9.91 40.79 5.21
N THR D 176 8.57 40.77 5.15
CA THR D 176 7.77 41.37 6.22
C THR D 176 7.35 40.36 7.28
N LEU D 177 7.22 39.07 6.91
CA LEU D 177 6.85 38.05 7.89
C LEU D 177 8.02 37.57 8.72
N GLY D 178 9.26 37.77 8.26
CA GLY D 178 10.42 37.25 8.96
C GLY D 178 10.58 35.76 8.76
N ARG D 179 9.54 35.01 9.09
CA ARG D 179 9.46 33.58 8.85
C ARG D 179 8.04 33.13 9.12
N GLY D 180 7.51 32.26 8.24
CA GLY D 180 6.19 31.71 8.45
C GLY D 180 5.33 31.86 7.22
N THR D 181 4.03 31.71 7.42
CA THR D 181 3.06 31.67 6.33
C THR D 181 1.78 32.37 6.77
N THR D 182 1.11 32.99 5.79
CA THR D 182 -0.19 33.60 6.01
C THR D 182 -1.16 33.06 4.96
N ILE D 183 -2.22 32.39 5.42
CA ILE D 183 -3.29 31.94 4.55
C ILE D 183 -4.41 32.98 4.60
N THR D 184 -4.82 33.46 3.43
CA THR D 184 -5.90 34.42 3.31
C THR D 184 -7.00 33.82 2.44
N LEU D 185 -8.22 33.80 2.96
CA LEU D 185 -9.36 33.21 2.27
C LEU D 185 -10.35 34.30 1.87
N VAL D 186 -10.52 34.51 0.57
CA VAL D 186 -11.60 35.36 0.07
C VAL D 186 -12.89 34.59 0.26
N LEU D 187 -13.63 34.93 1.31
CA LEU D 187 -14.80 34.13 1.67
C LEU D 187 -15.94 34.35 0.69
N LYS D 188 -16.81 33.35 0.59
CA LYS D 188 -18.03 33.51 -0.20
C LYS D 188 -19.00 34.44 0.50
N GLU D 189 -20.00 34.91 -0.26
CA GLU D 189 -21.04 35.73 0.33
C GLU D 189 -21.86 34.94 1.34
N GLU D 190 -22.01 33.64 1.12
CA GLU D 190 -22.77 32.80 2.05
C GLU D 190 -22.04 32.63 3.37
N ALA D 191 -20.70 32.57 3.35
CA ALA D 191 -19.90 32.31 4.53
C ALA D 191 -19.42 33.58 5.22
N SER D 192 -20.18 34.66 5.12
CA SER D 192 -19.76 35.93 5.70
C SER D 192 -19.91 35.95 7.23
N ASP D 193 -20.60 34.97 7.82
CA ASP D 193 -20.75 34.92 9.27
C ASP D 193 -19.39 34.71 9.95
N TYR D 194 -18.53 33.85 9.38
CA TYR D 194 -17.23 33.56 9.98
C TYR D 194 -16.38 34.80 10.22
N LEU D 195 -16.76 35.96 9.67
CA LEU D 195 -16.08 37.21 9.93
C LEU D 195 -16.52 37.87 11.23
N GLU D 196 -17.58 37.39 11.86
CA GLU D 196 -17.99 37.94 13.15
C GLU D 196 -17.02 37.52 14.24
N LEU D 197 -16.64 38.48 15.10
CA LEU D 197 -15.66 38.20 16.12
C LEU D 197 -16.14 37.12 17.09
N ASP D 198 -17.39 37.21 17.52
CA ASP D 198 -17.92 36.21 18.46
C ASP D 198 -17.96 34.83 17.82
N THR D 199 -18.29 34.75 16.53
CA THR D 199 -18.35 33.45 15.86
C THR D 199 -16.96 32.88 15.66
N ILE D 200 -16.01 33.71 15.22
CA ILE D 200 -14.67 33.19 14.95
C ILE D 200 -13.94 32.86 16.25
N LYS D 201 -14.25 33.56 17.34
CA LYS D 201 -13.57 33.30 18.60
C LYS D 201 -14.04 31.99 19.22
N ASN D 202 -15.35 31.72 19.17
CA ASN D 202 -15.86 30.47 19.68
C ASN D 202 -15.44 29.29 18.79
N LEU D 203 -15.32 29.53 17.48
CA LEU D 203 -14.91 28.46 16.58
C LEU D 203 -13.43 28.12 16.77
N VAL D 204 -12.58 29.14 16.91
CA VAL D 204 -11.16 28.89 17.15
C VAL D 204 -10.97 28.19 18.48
N LYS D 205 -11.77 28.57 19.49
CA LYS D 205 -11.63 27.97 20.81
C LYS D 205 -11.94 26.47 20.79
N LYS D 206 -12.84 26.04 19.90
CA LYS D 206 -13.22 24.63 19.85
C LYS D 206 -12.09 23.77 19.30
N TYR D 207 -11.48 24.19 18.20
CA TYR D 207 -10.44 23.41 17.52
C TYR D 207 -9.03 23.79 17.98
N SER D 208 -8.84 24.15 19.25
CA SER D 208 -7.54 24.60 19.72
C SER D 208 -7.04 23.87 20.97
N GLN D 209 -7.83 22.98 21.55
CA GLN D 209 -7.38 22.24 22.72
C GLN D 209 -6.34 21.17 22.39
N PHE D 210 -6.04 20.97 21.11
CA PHE D 210 -5.04 19.99 20.68
C PHE D 210 -3.69 20.62 20.35
N ILE D 211 -3.63 21.95 20.23
CA ILE D 211 -2.45 22.63 19.71
C ILE D 211 -1.54 23.01 20.87
N ASN D 212 -0.26 22.69 20.75
CA ASN D 212 0.75 23.05 21.74
C ASN D 212 1.44 24.35 21.42
N PHE D 213 0.70 25.30 20.86
CA PHE D 213 1.21 26.63 20.50
C PHE D 213 0.13 27.64 20.84
N PRO D 214 0.50 28.90 21.05
CA PRO D 214 -0.51 29.93 21.36
C PRO D 214 -1.21 30.39 20.09
N ILE D 215 -2.55 30.45 20.14
CA ILE D 215 -3.36 30.93 19.04
C ILE D 215 -4.05 32.22 19.48
N TYR D 216 -3.83 33.29 18.74
CA TYR D 216 -4.40 34.59 19.03
C TYR D 216 -5.43 34.98 17.98
N VAL D 217 -6.41 35.78 18.39
CA VAL D 217 -7.42 36.31 17.49
C VAL D 217 -7.47 37.83 17.68
N TRP D 218 -7.45 38.55 16.57
CA TRP D 218 -7.55 40.01 16.61
C TRP D 218 -8.91 40.41 17.16
N SER D 219 -8.96 40.76 18.45
CA SER D 219 -10.19 41.08 19.12
C SER D 219 -10.17 42.52 19.62
N SER D 220 -11.35 43.02 19.95
CA SER D 220 -11.54 44.38 20.46
C SER D 220 -11.94 44.33 21.93
N LYS D 221 -11.40 45.26 22.71
CA LYS D 221 -11.70 45.37 24.13
C LYS D 221 -12.06 46.81 24.48
N THR D 222 -12.92 46.96 25.48
CA THR D 222 -13.34 48.29 25.94
C THR D 222 -13.08 48.45 27.43
N LYS D 227 -14.15 54.15 22.96
CA LYS D 227 -12.87 53.79 23.56
C LYS D 227 -12.59 52.30 23.44
N THR D 228 -12.52 51.81 22.20
CA THR D 228 -12.25 50.41 21.91
C THR D 228 -10.86 50.27 21.32
N VAL D 229 -10.07 49.35 21.88
CA VAL D 229 -8.73 49.08 21.39
C VAL D 229 -8.67 47.63 20.91
N TRP D 230 -7.86 47.40 19.87
CA TRP D 230 -7.69 46.08 19.29
C TRP D 230 -6.32 45.53 19.67
N ASP D 231 -6.29 44.24 19.98
CA ASP D 231 -5.05 43.56 20.35
C ASP D 231 -5.24 42.06 20.15
N TRP D 232 -4.14 41.32 20.28
CA TRP D 232 -4.17 39.88 20.15
C TRP D 232 -4.72 39.27 21.44
N GLU D 233 -5.81 38.50 21.32
CA GLU D 233 -6.42 37.83 22.45
C GLU D 233 -6.08 36.34 22.40
N LEU D 234 -5.48 35.83 23.47
CA LEU D 234 -5.15 34.41 23.56
C LEU D 234 -6.44 33.59 23.68
N MET D 235 -6.47 32.45 22.98
CA MET D 235 -7.63 31.58 22.98
C MET D 235 -7.36 30.19 23.57
N ASN D 236 -6.12 29.91 23.99
CA ASN D 236 -5.81 28.61 24.58
C ASN D 236 -4.60 28.67 25.51
C1 EDO E . -1.06 -20.42 -31.14
O1 EDO E . 0.04 -19.63 -31.62
C2 EDO E . -0.52 -21.69 -30.48
O2 EDO E . -1.63 -22.50 -30.04
C1 EDO F . -10.33 -28.85 -25.95
O1 EDO F . -9.50 -27.69 -25.93
C2 EDO F . -11.71 -28.48 -25.42
O2 EDO F . -11.59 -27.96 -24.09
C1 EDO G . -2.59 -42.81 -14.52
O1 EDO G . -2.27 -41.46 -14.88
C2 EDO G . -1.41 -43.72 -14.84
O2 EDO G . -1.71 -45.06 -14.41
C1 EDO H . -5.06 -42.99 -8.99
O1 EDO H . -6.00 -41.93 -8.86
C2 EDO H . -5.32 -43.75 -10.28
O2 EDO H . -5.19 -42.87 -11.40
CAA 9QY I . 5.98 -22.65 -10.59
CAF 9QY I . 5.34 -20.34 -15.58
CAG 9QY I . 4.16 -19.68 -15.87
CAH 9QY I . 5.76 -20.44 -14.26
CAI 9QY I . -0.34 -17.98 -13.45
CAJ 9QY I . 3.39 -19.13 -14.85
CAK 9QY I . 4.99 -19.90 -13.23
CAL 9QY I . 0.96 -17.68 -13.44
CAM 9QY I . 1.32 -25.59 -10.47
CAN 9QY I . 0.94 -20.74 -11.50
CAO 9QY I . 1.51 -21.85 -12.38
CAP 9QY I . 3.06 -18.69 -12.48
CAS 9QY I . 3.69 -22.79 -10.70
CAT 9QY I . 3.80 -19.23 -13.53
CAU 9QY I . 0.28 -25.13 -11.28
CAV 9QY I . 2.43 -24.78 -10.30
CAW 9QY I . 0.36 -23.89 -11.90
CAX 9QY I . 0.68 -19.49 -12.33
CAY 9QY I . 1.47 -23.08 -11.73
CAZ 9QY I . 2.53 -23.53 -10.93
NAQ 9QY I . -0.52 -19.10 -12.76
NBA 9QY I . 1.60 -18.62 -12.75
OAB 9QY I . 3.65 -21.63 -10.29
OAC 9QY I . -0.84 -25.86 -11.50
OAD 9QY I . 3.49 -25.15 -9.54
OAR 9QY I . 4.85 -23.47 -10.90
CL 9QY I . -0.96 -23.36 -12.89
C1 EDO J . -29.77 8.59 0.31
O1 EDO J . -30.62 8.31 1.43
C2 EDO J . -30.31 9.78 -0.46
O2 EDO J . -29.74 9.80 -1.77
C1 EDO K . -37.81 -5.05 8.25
O1 EDO K . -37.43 -3.73 7.84
C2 EDO K . -36.62 -5.98 8.09
O2 EDO K . -35.50 -5.43 8.80
C1 EDO L . -31.00 -5.34 -9.11
O1 EDO L . -31.02 -6.10 -10.31
C2 EDO L . -30.39 -6.18 -8.00
O2 EDO L . -30.44 -5.45 -6.76
MG MG M . -28.97 -9.14 -22.41
CAA 9QY N . -18.82 -0.81 -1.85
CAF 9QY N . -22.40 -0.09 2.37
CAG 9QY N . -22.25 -1.15 3.25
CAH 9QY N . -21.27 0.50 1.80
CAI 9QY N . -18.61 -4.09 5.81
CAJ 9QY N . -20.98 -1.62 3.56
CAK 9QY N . -20.00 0.02 2.11
CAL 9QY N . -18.72 -2.82 5.43
CAM 9QY N . -18.71 -6.28 -2.31
CAN 9QY N . -18.02 -4.43 2.26
CAO 9QY N . -19.31 -4.46 1.43
CAP 9QY N . -18.56 -1.50 3.29
CAS 9QY N . -18.48 -2.90 -0.92
CAT 9QY N . -19.85 -1.04 2.99
CAU 9QY N . -19.11 -7.02 -1.21
CAV 9QY N . -18.52 -4.92 -2.17
CAW 9QY N . -19.30 -6.40 0.03
CAX 9QY N . -18.30 -4.00 3.69
CAY 9QY N . -19.10 -5.03 0.17
CAZ 9QY N . -18.70 -4.27 -0.94
NAQ 9QY N . -18.35 -4.83 4.72
NBA 9QY N . -18.53 -2.75 4.11
OAB 9QY N . -17.80 -2.35 -0.06
OAC 9QY N . -19.32 -8.36 -1.27
OAD 9QY N . -18.13 -4.13 -3.21
OAR 9QY N . -18.99 -2.22 -1.99
CL 9QY N . -19.80 -7.37 1.41
C1 EDO O . 26.04 -12.90 10.91
O1 EDO O . 26.03 -13.18 12.32
C2 EDO O . 27.45 -13.07 10.37
O2 EDO O . 27.50 -12.61 9.02
C1 EDO P . 28.65 3.39 13.91
O1 EDO P . 27.83 2.97 15.01
C2 EDO P . 29.34 4.69 14.27
O2 EDO P . 30.27 5.04 13.23
C1 EDO Q . 28.29 7.62 12.23
O1 EDO Q . 27.56 7.70 13.46
C2 EDO Q . 29.64 8.30 12.40
O2 EDO Q . 30.39 8.17 11.18
C1 EDO R . 25.16 -7.76 26.79
O1 EDO R . 26.38 -7.80 27.56
C2 EDO R . 24.03 -7.26 27.68
O2 EDO R . 24.31 -5.93 28.12
MG MG S . 34.19 14.50 6.20
CAA 9QY T . 16.37 -1.85 9.21
CAF 9QY T . 17.25 -5.42 13.33
CAG 9QY T . 16.53 -4.90 14.40
CAH 9QY T . 16.67 -5.47 12.07
CAI 9QY T . 11.65 -3.41 15.86
CAJ 9QY T . 15.23 -4.43 14.20
CAK 9QY T . 15.37 -5.01 11.88
CAL 9QY T . 12.13 -4.23 14.94
CAM 9QY T . 15.61 2.88 11.94
CAN 9QY T . 12.95 -1.01 13.48
CAO 9QY T . 14.46 -0.80 13.63
CAP 9QY T . 13.34 -4.03 12.72
CAS 9QY T . 15.28 -0.61 10.82
CAT 9QY T . 14.64 -4.49 12.95
CAU 9QY T . 15.22 2.78 13.27
CAV 9QY T . 15.62 1.73 11.16
CAW 9QY T . 14.84 1.56 13.82
CAX 9QY T . 12.50 -2.23 14.30
CAY 9QY T . 14.83 0.41 13.02
CAZ 9QY T . 15.23 0.49 11.68
NAQ 9QY T . 11.87 -2.16 15.46
NBA 9QY T . 12.69 -3.51 13.96
OAB 9QY T . 14.34 -1.40 10.70
OAC 9QY T . 15.20 3.86 14.09
OAD 9QY T . 15.99 1.75 9.86
OAR 9QY T . 16.41 -0.70 10.06
CL 9QY T . 14.35 1.47 15.50
C1 EDO U . 13.52 34.46 -6.80
O1 EDO U . 12.14 34.76 -6.55
C2 EDO U . 13.63 33.23 -7.71
O2 EDO U . 13.14 33.54 -9.01
C1 EDO V . 1.55 43.03 16.97
O1 EDO V . 0.99 44.32 17.20
C2 EDO V . 1.39 42.67 15.50
O2 EDO V . 1.84 41.33 15.28
C1 EDO W . 17.16 35.77 5.17
O1 EDO W . 16.73 35.06 3.99
C2 EDO W . 16.57 35.10 6.41
O2 EDO W . 17.08 33.77 6.53
C1 EDO X . 11.87 40.06 -3.81
O1 EDO X . 12.99 40.09 -2.92
C2 EDO X . 10.59 39.84 -3.01
O2 EDO X . 10.79 40.25 -1.65
CAA 9QY Y . -3.48 25.36 2.65
CAF 9QY Y . 0.12 26.10 -1.41
CAG 9QY Y . 1.38 25.51 -1.32
CAH 9QY Y . -0.95 25.53 -0.74
CAI 9QY Y . 4.08 22.01 1.74
CAJ 9QY Y . 1.56 24.35 -0.58
CAK 9QY Y . -0.77 24.36 0.01
CAL 9QY Y . 3.08 21.99 0.86
CAM 9QY Y . -0.32 26.70 7.00
CAN 9QY Y . 1.40 23.30 3.79
CAO 9QY Y . 1.23 24.80 3.57
CAP 9QY Y . 0.64 22.60 0.84
CAS 9QY Y . -1.65 25.05 3.99
CAT 9QY Y . 0.48 23.77 0.09
CAU 9QY Y . 1.05 26.58 6.79
CAV 9QY Y . -1.17 26.19 6.04
CAW 9QY Y . 1.55 25.94 5.66
CAX 9QY Y . 2.33 22.74 2.70
CAY 9QY Y . 0.68 25.42 4.70
CAZ 9QY Y . -0.70 25.55 4.89
NAQ 9QY Y . 3.62 22.47 2.90
NBA 9QY Y . 1.98 22.46 1.45
OAB 9QY Y . -1.64 23.87 3.64
OAC 9QY Y . 1.97 27.06 7.67
OAD 9QY Y . -2.52 26.28 6.16
OAR 9QY Y . -2.60 25.95 3.61
CL 9QY Y . 3.27 25.81 5.48
#